data_9ETI
#
_entry.id   9ETI
#
_cell.length_a   60.55
_cell.length_b   69.94
_cell.length_c   232.83
_cell.angle_alpha   90
_cell.angle_beta   90
_cell.angle_gamma   90
#
_symmetry.space_group_name_H-M   'P 21 21 21'
#
loop_
_entity.id
_entity.type
_entity.pdbx_description
1 polymer 'BI00655130 Fab heavy chain'
2 polymer 'BI00655130 Fab light chain'
3 polymer 'Interleukin-1 receptor-like 2'
4 branched 2-acetamido-2-deoxy-beta-D-glucopyranose-(1-4)-2-acetamido-2-deoxy-beta-D-glucopyranose
5 non-polymer 'PHOSPHATE ION'
6 non-polymer 2-acetamido-2-deoxy-beta-D-glucopyranose
7 non-polymer '4-[3-[[(1~{S})-1-(3-bromophenyl)-3-[2-(2-morpholin-4-ylethoxy)ethylamino]-3-oxidanylidene-propyl]carbamoyl]-1,4,6,7-tetrahydropyrazolo[4,3-c]pyridin-5-yl]-5-cyano-thieno[2,3-b]pyridine-2-carboxylic acid'
8 water water
#
loop_
_entity_poly.entity_id
_entity_poly.type
_entity_poly.pdbx_seq_one_letter_code
_entity_poly.pdbx_strand_id
1 'polypeptide(L)'
;QVQLVQSGAEVKKPGASVKVSCKASGYSFTSSWIHWVKQAPGQGLEWMGEINPGNVRTNYNENFRNKVTMTVDTSISTAY
MELSRLRSDDTAVYYCTVVFYGEPYFPYWGQGTLVTVSSASTKGPSVFPLAPSSKSTSGGTAALGCLVKDYFPEPVTVSW
NSGALTSGVHTFPAVLQSSGLYSLSSVVTVPSSSLGTQTYICNVNHKPSNTKVDKRVEPKS
;
H
2 'polypeptide(L)'
;QIVLTQSPGTLSLSPGERATMTCTASSSVSSSYFHWYQQKPGQAPRLWIYRTSRLASGVPDRFSGSGSGTDFTLTISRLE
PEDAATYYCHQFHRSPLTFGAGTKLEIKRTVAAPSVFIFPPSDEQLKSGTASVVCLLNNFYPREAKVQWKVDNALQSGNS
QESVTEQDSKDSTYSLSSTLTLSKADYEKHKVYACEVTHQGLSSPVTKSFNRGEC
;
L
3 'polypeptide(L)'
;DGCKDIFMKNEILSASQPFAFNCTFPPITSGEVSVTWYKNSSKIPVSKIIQSRIHQDETWILFLPMEWGDSGVYQCVIKG
RDSCHRIHVNLTVFEKHWCDTSIGGLPNLSDEYKQILHLGKDDSLTCHLHFPKSCVLGPIKWYKDCNEIKGERFTVLETR
LLVSNVSAEDRGNYACQAILTHSGKQYEVLNGITVSITERAHHHHHH
;
R
#
loop_
_chem_comp.id
_chem_comp.type
_chem_comp.name
_chem_comp.formula
A1H62 non-polymer '4-[3-[[(1~{S})-1-(3-bromophenyl)-3-[2-(2-morpholin-4-ylethoxy)ethylamino]-3-oxidanylidene-propyl]carbamoyl]-1,4,6,7-tetrahydropyrazolo[4,3-c]pyridin-5-yl]-5-cyano-thieno[2,3-b]pyridine-2-carboxylic acid' 'C33 H35 Br N8 O6 S'
NAG D-saccharide, beta linking 2-acetamido-2-deoxy-beta-D-glucopyranose 'C8 H15 N O6'
PO4 non-polymer 'PHOSPHATE ION' 'O4 P -3'
#
# COMPACT_ATOMS: atom_id res chain seq x y z
N GLN A 1 -17.31 0.16 3.35
CA GLN A 1 -15.97 -0.22 2.89
C GLN A 1 -15.03 1.00 2.78
N VAL A 2 -13.83 0.97 3.43
CA VAL A 2 -12.86 2.09 3.36
C VAL A 2 -12.32 2.22 1.95
N GLN A 3 -12.47 3.41 1.34
CA GLN A 3 -12.03 3.70 -0.03
C GLN A 3 -11.32 5.05 -0.15
N LEU A 4 -10.29 5.11 -0.98
CA LEU A 4 -9.55 6.36 -1.25
C LEU A 4 -9.50 6.52 -2.77
N VAL A 5 -10.13 7.58 -3.29
CA VAL A 5 -10.16 7.80 -4.73
C VAL A 5 -9.41 9.08 -5.07
N GLN A 6 -8.35 8.96 -5.85
CA GLN A 6 -7.53 10.11 -6.21
C GLN A 6 -7.93 10.76 -7.54
N SER A 7 -7.45 12.00 -7.77
CA SER A 7 -7.71 12.69 -9.02
C SER A 7 -6.84 12.08 -10.13
N GLY A 8 -7.18 12.41 -11.38
CA GLY A 8 -6.50 11.86 -12.52
C GLY A 8 -5.13 12.45 -12.75
N ALA A 9 -4.39 11.85 -13.67
CA ALA A 9 -3.06 12.25 -14.06
C ALA A 9 -3.01 13.68 -14.51
N GLU A 10 -1.85 14.31 -14.33
CA GLU A 10 -1.65 15.69 -14.73
C GLU A 10 -0.27 15.90 -15.32
N VAL A 11 -0.16 16.91 -16.16
CA VAL A 11 1.11 17.34 -16.70
C VAL A 11 1.24 18.83 -16.35
N LYS A 12 2.40 19.25 -15.86
CA LYS A 12 2.63 20.64 -15.48
C LYS A 12 3.99 21.10 -15.92
N LYS A 13 4.15 22.38 -16.24
CA LYS A 13 5.44 22.90 -16.70
C LYS A 13 6.40 23.03 -15.53
N PRO A 14 7.72 22.98 -15.73
CA PRO A 14 8.65 23.19 -14.61
C PRO A 14 8.42 24.56 -13.92
N GLY A 15 8.66 24.62 -12.63
CA GLY A 15 8.42 25.83 -11.84
C GLY A 15 6.99 25.99 -11.38
N ALA A 16 6.02 25.39 -12.10
CA ALA A 16 4.60 25.43 -11.76
C ALA A 16 4.29 24.56 -10.51
N SER A 17 3.02 24.50 -10.06
CA SER A 17 2.64 23.68 -8.92
C SER A 17 1.49 22.78 -9.31
N VAL A 18 1.30 21.70 -8.53
CA VAL A 18 0.23 20.75 -8.81
C VAL A 18 -0.43 20.36 -7.49
N LYS A 19 -1.74 20.15 -7.51
CA LYS A 19 -2.47 19.73 -6.32
C LYS A 19 -3.21 18.45 -6.67
N VAL A 20 -2.90 17.37 -5.94
CA VAL A 20 -3.52 16.06 -6.13
C VAL A 20 -4.54 15.85 -5.02
N SER A 21 -5.73 15.37 -5.34
CA SER A 21 -6.76 15.13 -4.34
C SER A 21 -6.89 13.64 -4.01
N CYS A 22 -7.46 13.36 -2.84
CA CYS A 22 -7.67 12.03 -2.32
C CYS A 22 -9.00 12.05 -1.58
N LYS A 23 -10.08 11.63 -2.21
CA LYS A 23 -11.40 11.61 -1.56
C LYS A 23 -11.56 10.33 -0.77
N ALA A 24 -11.82 10.43 0.53
CA ALA A 24 -11.97 9.31 1.44
C ALA A 24 -13.43 8.96 1.71
N SER A 25 -13.70 7.70 2.04
CA SER A 25 -15.05 7.24 2.39
C SER A 25 -14.97 5.89 3.11
N GLY A 26 -16.04 5.54 3.82
CA GLY A 26 -16.12 4.27 4.53
C GLY A 26 -15.70 4.30 5.99
N TYR A 27 -15.40 5.50 6.51
CA TYR A 27 -14.93 5.69 7.88
C TYR A 27 -15.04 7.19 8.27
N SER A 28 -14.77 7.53 9.54
CA SER A 28 -14.81 8.92 9.97
C SER A 28 -13.51 9.63 9.58
N PHE A 29 -13.58 10.52 8.58
CA PHE A 29 -12.44 11.26 8.03
C PHE A 29 -11.51 11.90 9.09
N THR A 30 -12.08 12.57 10.10
CA THR A 30 -11.29 13.26 11.12
C THR A 30 -10.66 12.33 12.19
N SER A 31 -10.95 11.03 12.19
CA SER A 31 -10.42 10.08 13.18
C SER A 31 -9.21 9.28 12.66
N SER A 32 -8.45 9.83 11.69
CA SER A 32 -7.37 9.06 11.06
C SER A 32 -6.25 9.95 10.54
N TRP A 33 -5.11 9.37 10.16
CA TRP A 33 -4.02 10.14 9.54
C TRP A 33 -3.93 9.75 8.07
N ILE A 34 -3.95 10.72 7.17
CA ILE A 34 -3.79 10.47 5.76
C ILE A 34 -2.29 10.64 5.46
N HIS A 35 -1.69 9.69 4.75
CA HIS A 35 -0.28 9.75 4.38
C HIS A 35 -0.17 9.85 2.86
N TRP A 36 0.95 10.39 2.37
CA TRP A 36 1.23 10.43 0.94
C TRP A 36 2.53 9.70 0.66
N VAL A 37 2.56 8.89 -0.41
CA VAL A 37 3.72 8.11 -0.82
C VAL A 37 4.08 8.40 -2.30
N LYS A 38 5.37 8.61 -2.58
CA LYS A 38 5.86 8.90 -3.91
C LYS A 38 6.55 7.67 -4.49
N GLN A 39 6.19 7.32 -5.72
CA GLN A 39 6.82 6.23 -6.43
C GLN A 39 7.36 6.76 -7.75
N ALA A 40 8.66 7.07 -7.77
CA ALA A 40 9.33 7.54 -8.96
C ALA A 40 9.40 6.38 -9.97
N PRO A 41 9.24 6.68 -11.27
CA PRO A 41 9.28 5.61 -12.29
C PRO A 41 10.55 4.78 -12.24
N GLY A 42 10.39 3.46 -12.22
CA GLY A 42 11.55 2.56 -12.11
C GLY A 42 12.04 2.38 -10.68
N GLN A 43 11.62 3.27 -9.74
CA GLN A 43 11.98 3.27 -8.31
C GLN A 43 10.87 2.66 -7.42
N GLY A 44 11.17 2.55 -6.12
CA GLY A 44 10.26 2.01 -5.13
C GLY A 44 9.44 3.09 -4.44
N LEU A 45 9.20 2.92 -3.14
CA LEU A 45 8.35 3.80 -2.39
C LEU A 45 9.08 4.76 -1.48
N GLU A 46 8.66 6.03 -1.47
CA GLU A 46 9.24 7.07 -0.64
C GLU A 46 8.11 7.75 0.13
N TRP A 47 8.26 7.86 1.45
CA TRP A 47 7.23 8.46 2.29
C TRP A 47 7.38 9.97 2.32
N MET A 48 6.29 10.69 2.05
CA MET A 48 6.36 12.14 1.98
C MET A 48 5.96 12.81 3.25
N GLY A 49 4.87 12.33 3.84
CA GLY A 49 4.37 12.90 5.08
C GLY A 49 2.99 12.40 5.44
N GLU A 50 2.44 13.00 6.51
CA GLU A 50 1.14 12.70 7.05
C GLU A 50 0.39 13.98 7.47
N ILE A 51 -0.96 13.92 7.46
CA ILE A 51 -1.84 14.99 7.92
C ILE A 51 -2.98 14.39 8.74
N ASN A 52 -3.32 15.01 9.88
CA ASN A 52 -4.41 14.51 10.72
C ASN A 52 -5.57 15.41 10.43
N PRO A 53 -6.63 14.94 9.74
CA PRO A 53 -7.77 15.84 9.43
C PRO A 53 -8.49 16.41 10.63
N GLY A 54 -8.33 15.77 11.79
CA GLY A 54 -8.95 16.24 13.03
C GLY A 54 -8.37 17.55 13.52
N ASN A 55 -7.04 17.66 13.65
CA ASN A 55 -6.42 18.89 14.15
C ASN A 55 -5.56 19.64 13.12
N VAL A 56 -5.57 19.17 11.86
CA VAL A 56 -4.80 19.67 10.72
C VAL A 56 -3.28 19.71 11.02
N ARG A 57 -2.79 18.79 11.86
CA ARG A 57 -1.37 18.72 12.13
C ARG A 57 -0.72 18.02 10.93
N THR A 58 0.43 18.53 10.45
CA THR A 58 1.17 17.92 9.35
C THR A 58 2.59 17.60 9.78
N ASN A 59 3.12 16.47 9.33
CA ASN A 59 4.49 16.09 9.63
C ASN A 59 5.05 15.65 8.29
N TYR A 60 6.07 16.35 7.79
CA TYR A 60 6.66 16.01 6.50
C TYR A 60 8.02 15.39 6.66
N ASN A 61 8.43 14.57 5.66
CA ASN A 61 9.77 14.01 5.55
C ASN A 61 10.64 15.22 5.20
N GLU A 62 11.81 15.39 5.85
CA GLU A 62 12.68 16.53 5.59
C GLU A 62 13.01 16.70 4.11
N ASN A 63 12.98 15.59 3.32
CA ASN A 63 13.23 15.60 1.87
C ASN A 63 12.19 16.40 1.10
N PHE A 64 10.96 16.50 1.63
CA PHE A 64 9.87 17.24 0.98
C PHE A 64 9.46 18.50 1.76
N ARG A 65 10.26 18.90 2.76
CA ARG A 65 10.06 20.04 3.66
C ARG A 65 9.56 21.31 2.95
N ASN A 66 10.21 21.71 1.85
CA ASN A 66 9.80 22.92 1.16
C ASN A 66 9.08 22.66 -0.17
N LYS A 67 8.83 21.38 -0.51
CA LYS A 67 8.19 20.99 -1.77
C LYS A 67 6.69 20.72 -1.59
N VAL A 68 6.33 20.05 -0.50
CA VAL A 68 4.95 19.64 -0.30
C VAL A 68 4.15 20.45 0.75
N THR A 69 2.83 20.52 0.52
CA THR A 69 1.87 21.14 1.41
C THR A 69 0.66 20.21 1.42
N MET A 70 0.29 19.74 2.61
CA MET A 70 -0.84 18.85 2.76
C MET A 70 -1.95 19.62 3.46
N THR A 71 -3.16 19.56 2.90
CA THR A 71 -4.35 20.21 3.43
C THR A 71 -5.52 19.22 3.38
N VAL A 72 -6.66 19.56 3.98
CA VAL A 72 -7.87 18.74 3.92
C VAL A 72 -9.09 19.67 3.77
N ASP A 73 -10.19 19.11 3.27
CA ASP A 73 -11.46 19.77 3.26
C ASP A 73 -12.34 18.73 3.93
N THR A 74 -12.61 18.89 5.21
CA THR A 74 -13.40 17.93 5.96
C THR A 74 -14.86 17.85 5.47
N SER A 75 -15.37 18.95 4.90
CA SER A 75 -16.73 18.98 4.39
C SER A 75 -16.95 17.98 3.26
N ILE A 76 -15.91 17.72 2.45
CA ILE A 76 -16.04 16.75 1.37
C ILE A 76 -15.10 15.53 1.54
N SER A 77 -14.64 15.27 2.80
CA SER A 77 -13.75 14.16 3.16
C SER A 77 -12.58 13.99 2.18
N THR A 78 -11.90 15.10 1.85
CA THR A 78 -10.84 15.07 0.85
C THR A 78 -9.53 15.59 1.35
N ALA A 79 -8.46 14.85 1.13
CA ALA A 79 -7.12 15.29 1.48
C ALA A 79 -6.43 15.78 0.20
N TYR A 80 -5.56 16.77 0.30
CA TYR A 80 -4.87 17.33 -0.86
C TYR A 80 -3.38 17.35 -0.62
N MET A 81 -2.62 17.12 -1.68
CA MET A 81 -1.18 17.14 -1.65
C MET A 81 -0.73 18.07 -2.74
N GLU A 82 -0.01 19.11 -2.36
CA GLU A 82 0.43 20.10 -3.32
C GLU A 82 1.93 20.18 -3.42
N LEU A 83 2.46 20.01 -4.64
CA LEU A 83 3.88 20.15 -4.88
C LEU A 83 4.10 21.50 -5.53
N SER A 84 5.10 22.25 -5.09
CA SER A 84 5.38 23.56 -5.66
C SER A 84 6.74 23.60 -6.32
N ARG A 85 6.95 24.54 -7.27
CA ARG A 85 8.23 24.71 -7.98
C ARG A 85 8.71 23.39 -8.57
N LEU A 86 7.83 22.77 -9.36
CA LEU A 86 8.06 21.49 -9.99
C LEU A 86 9.34 21.38 -10.81
N ARG A 87 9.94 20.20 -10.74
CA ARG A 87 11.12 19.88 -11.50
C ARG A 87 11.07 18.41 -11.99
N SER A 88 11.96 18.01 -12.90
CA SER A 88 11.95 16.68 -13.50
C SER A 88 11.74 15.52 -12.51
N ASP A 89 12.47 15.51 -11.39
CA ASP A 89 12.37 14.43 -10.42
C ASP A 89 11.11 14.47 -9.53
N ASP A 90 10.18 15.38 -9.82
CA ASP A 90 8.87 15.36 -9.18
C ASP A 90 7.88 14.53 -10.03
N THR A 91 8.30 14.05 -11.25
CA THR A 91 7.51 13.20 -12.13
C THR A 91 7.52 11.85 -11.44
N ALA A 92 6.35 11.37 -11.01
CA ALA A 92 6.21 10.13 -10.25
C ALA A 92 4.73 9.81 -10.08
N VAL A 93 4.39 8.60 -9.58
CA VAL A 93 3.01 8.28 -9.23
C VAL A 93 2.89 8.60 -7.73
N TYR A 94 1.83 9.31 -7.33
CA TYR A 94 1.63 9.69 -5.94
C TYR A 94 0.41 8.96 -5.38
N TYR A 95 0.56 8.34 -4.20
CA TYR A 95 -0.49 7.59 -3.55
C TYR A 95 -0.89 8.22 -2.26
N CYS A 96 -2.17 8.09 -1.91
CA CYS A 96 -2.61 8.44 -0.57
C CYS A 96 -2.95 7.13 0.17
N THR A 97 -2.75 7.10 1.49
CA THR A 97 -3.03 5.96 2.35
C THR A 97 -3.64 6.47 3.63
N VAL A 98 -4.34 5.60 4.37
CA VAL A 98 -4.94 6.00 5.64
C VAL A 98 -4.48 5.06 6.75
N VAL A 99 -4.27 5.62 7.95
CA VAL A 99 -3.81 4.92 9.15
C VAL A 99 -4.86 5.10 10.25
N PHE A 100 -5.17 4.03 10.97
CA PHE A 100 -6.11 4.08 12.09
C PHE A 100 -5.40 3.84 13.42
N TYR A 101 -5.97 4.35 14.51
CA TYR A 101 -5.42 4.30 15.86
C TYR A 101 -5.20 2.87 16.28
N GLY A 102 -3.98 2.56 16.69
CA GLY A 102 -3.62 1.21 17.08
C GLY A 102 -3.33 0.27 15.92
N GLU A 103 -3.27 0.79 14.69
CA GLU A 103 -2.99 -0.02 13.51
C GLU A 103 -1.90 0.65 12.69
N PRO A 104 -0.64 0.61 13.15
CA PRO A 104 0.42 1.34 12.44
C PRO A 104 0.94 0.65 11.19
N TYR A 105 0.17 0.73 10.10
CA TYR A 105 0.48 0.14 8.80
C TYR A 105 -0.49 0.74 7.76
N PHE A 106 -0.31 0.47 6.46
CA PHE A 106 -1.13 1.03 5.40
C PHE A 106 -2.02 -0.04 4.73
N PRO A 107 -3.24 -0.31 5.27
CA PRO A 107 -4.08 -1.34 4.64
C PRO A 107 -4.86 -0.86 3.42
N TYR A 108 -5.05 0.46 3.27
CA TYR A 108 -5.87 1.00 2.21
C TYR A 108 -5.10 2.07 1.49
N TRP A 109 -5.04 1.96 0.18
CA TRP A 109 -4.32 2.90 -0.65
C TRP A 109 -5.22 3.40 -1.75
N GLY A 110 -5.00 4.64 -2.18
CA GLY A 110 -5.65 5.19 -3.36
C GLY A 110 -5.09 4.50 -4.60
N GLN A 111 -5.66 4.77 -5.78
CA GLN A 111 -5.19 4.11 -7.02
C GLN A 111 -3.89 4.70 -7.59
N GLY A 112 -3.48 5.86 -7.12
CA GLY A 112 -2.30 6.52 -7.65
C GLY A 112 -2.62 7.61 -8.66
N THR A 113 -1.73 8.60 -8.76
CA THR A 113 -1.89 9.70 -9.69
C THR A 113 -0.54 9.97 -10.28
N LEU A 114 -0.42 9.89 -11.59
CA LEU A 114 0.85 10.15 -12.25
C LEU A 114 0.94 11.65 -12.54
N VAL A 115 2.02 12.25 -12.07
CA VAL A 115 2.27 13.67 -12.28
C VAL A 115 3.47 13.74 -13.17
N THR A 116 3.33 14.39 -14.33
CA THR A 116 4.46 14.52 -15.25
C THR A 116 4.85 15.97 -15.25
N VAL A 117 6.14 16.25 -15.05
CA VAL A 117 6.64 17.62 -15.11
C VAL A 117 7.24 17.76 -16.50
N SER A 118 6.56 18.50 -17.38
CA SER A 118 7.03 18.69 -18.74
C SER A 118 6.66 20.04 -19.32
N SER A 119 7.54 20.55 -20.17
CA SER A 119 7.30 21.80 -20.90
C SER A 119 6.52 21.55 -22.21
N ALA A 120 6.49 20.28 -22.68
CA ALA A 120 5.84 19.87 -23.91
C ALA A 120 4.33 19.93 -23.81
N SER A 121 3.71 20.20 -24.95
CA SER A 121 2.27 20.34 -25.12
C SER A 121 1.56 19.01 -24.91
N THR A 122 0.41 19.05 -24.23
CA THR A 122 -0.42 17.87 -24.02
C THR A 122 -1.10 17.53 -25.34
N LYS A 123 -1.10 16.25 -25.71
CA LYS A 123 -1.77 15.80 -26.91
C LYS A 123 -2.56 14.52 -26.61
N GLY A 124 -3.81 14.49 -27.03
CA GLY A 124 -4.67 13.32 -26.88
C GLY A 124 -4.37 12.31 -27.97
N PRO A 125 -4.67 11.03 -27.72
CA PRO A 125 -4.32 10.00 -28.71
C PRO A 125 -5.30 9.81 -29.87
N SER A 126 -4.88 9.05 -30.86
CA SER A 126 -5.69 8.64 -31.98
C SER A 126 -5.90 7.15 -31.76
N VAL A 127 -7.16 6.67 -31.84
CA VAL A 127 -7.45 5.27 -31.59
C VAL A 127 -7.85 4.56 -32.88
N PHE A 128 -7.05 3.57 -33.29
CA PHE A 128 -7.31 2.81 -34.49
C PHE A 128 -7.59 1.36 -34.14
N PRO A 129 -8.51 0.67 -34.84
CA PRO A 129 -8.76 -0.75 -34.52
C PRO A 129 -7.70 -1.67 -35.09
N LEU A 130 -7.42 -2.78 -34.42
CA LEU A 130 -6.51 -3.82 -34.86
C LEU A 130 -7.48 -4.98 -35.09
N ALA A 131 -8.12 -4.98 -36.28
CA ALA A 131 -9.18 -5.91 -36.68
C ALA A 131 -8.77 -7.38 -36.82
N PRO A 132 -9.65 -8.31 -36.39
CA PRO A 132 -9.33 -9.74 -36.58
C PRO A 132 -9.52 -10.22 -38.03
N SER A 133 -8.73 -11.19 -38.46
CA SER A 133 -8.78 -11.76 -39.82
C SER A 133 -8.19 -13.20 -39.82
N SER A 134 -7.94 -13.81 -41.01
CA SER A 134 -7.35 -15.14 -41.13
C SER A 134 -5.89 -15.14 -40.59
N LYS A 135 -5.18 -14.00 -40.72
CA LYS A 135 -3.82 -13.83 -40.19
C LYS A 135 -3.81 -13.43 -38.67
N SER A 136 -4.99 -13.56 -38.01
CA SER A 136 -5.18 -13.31 -36.58
C SER A 136 -5.90 -14.49 -35.92
N THR A 137 -5.72 -15.74 -36.43
CA THR A 137 -6.32 -16.91 -35.80
C THR A 137 -5.26 -17.92 -35.28
N SER A 138 -5.60 -18.69 -34.26
CA SER A 138 -4.70 -19.66 -33.65
C SER A 138 -5.50 -20.65 -32.79
N GLY A 139 -5.84 -21.81 -33.33
CA GLY A 139 -6.60 -22.82 -32.60
C GLY A 139 -8.06 -22.46 -32.39
N GLY A 140 -8.63 -21.76 -33.36
CA GLY A 140 -10.01 -21.28 -33.27
C GLY A 140 -10.15 -20.07 -32.35
N THR A 141 -9.03 -19.38 -32.12
CA THR A 141 -8.92 -18.20 -31.27
C THR A 141 -8.63 -17.05 -32.20
N ALA A 142 -9.21 -15.87 -31.96
CA ALA A 142 -8.94 -14.69 -32.78
C ALA A 142 -8.40 -13.56 -31.92
N ALA A 143 -7.42 -12.82 -32.44
CA ALA A 143 -6.89 -11.69 -31.72
C ALA A 143 -7.38 -10.40 -32.38
N LEU A 144 -7.69 -9.44 -31.56
CA LEU A 144 -8.11 -8.12 -32.01
C LEU A 144 -7.60 -7.11 -30.96
N GLY A 145 -7.59 -5.83 -31.31
CA GLY A 145 -7.13 -4.82 -30.38
C GLY A 145 -7.35 -3.40 -30.82
N CYS A 146 -6.64 -2.49 -30.16
CA CYS A 146 -6.71 -1.07 -30.41
C CYS A 146 -5.32 -0.50 -30.38
N LEU A 147 -5.03 0.37 -31.32
CA LEU A 147 -3.76 1.04 -31.38
C LEU A 147 -4.00 2.47 -30.91
N VAL A 148 -3.52 2.79 -29.71
CA VAL A 148 -3.65 4.11 -29.12
C VAL A 148 -2.34 4.85 -29.43
N LYS A 149 -2.34 5.61 -30.52
CA LYS A 149 -1.15 6.29 -31.03
C LYS A 149 -1.06 7.81 -30.78
N ASP A 150 0.18 8.32 -30.63
CA ASP A 150 0.53 9.74 -30.56
C ASP A 150 -0.11 10.56 -29.42
N TYR A 151 0.22 10.24 -28.17
CA TYR A 151 -0.31 11.00 -27.02
C TYR A 151 0.80 11.43 -26.10
N PHE A 152 0.55 12.48 -25.34
CA PHE A 152 1.50 12.97 -24.38
C PHE A 152 0.76 13.76 -23.32
N PRO A 153 1.08 13.55 -22.03
CA PRO A 153 2.06 12.59 -21.50
C PRO A 153 1.39 11.24 -21.17
N GLU A 154 2.05 10.40 -20.38
CA GLU A 154 1.41 9.18 -19.90
C GLU A 154 0.47 9.58 -18.73
N PRO A 155 -0.60 8.81 -18.46
CA PRO A 155 -0.95 7.51 -19.04
C PRO A 155 -2.26 7.48 -19.83
N VAL A 156 -2.47 6.39 -20.54
CA VAL A 156 -3.78 6.09 -21.09
C VAL A 156 -4.24 4.84 -20.39
N THR A 157 -5.52 4.81 -20.06
CA THR A 157 -6.12 3.60 -19.53
C THR A 157 -6.98 3.03 -20.63
N VAL A 158 -6.93 1.71 -20.79
CA VAL A 158 -7.77 1.04 -21.76
C VAL A 158 -8.59 -0.02 -21.06
N SER A 159 -9.88 -0.03 -21.34
CA SER A 159 -10.78 -1.08 -20.88
C SER A 159 -11.51 -1.68 -22.09
N TRP A 160 -12.09 -2.87 -21.95
CA TRP A 160 -12.82 -3.50 -23.05
C TRP A 160 -14.27 -3.74 -22.63
N ASN A 161 -15.23 -3.39 -23.51
CA ASN A 161 -16.66 -3.54 -23.24
C ASN A 161 -17.07 -2.95 -21.89
N SER A 162 -16.58 -1.73 -21.62
CA SER A 162 -16.81 -0.96 -20.40
C SER A 162 -16.46 -1.69 -19.13
N GLY A 163 -15.45 -2.55 -19.18
CA GLY A 163 -15.03 -3.31 -18.01
C GLY A 163 -15.54 -4.73 -17.96
N ALA A 164 -16.54 -5.08 -18.81
CA ALA A 164 -17.09 -6.45 -18.85
C ALA A 164 -16.14 -7.48 -19.47
N LEU A 165 -15.17 -7.03 -20.27
CA LEU A 165 -14.21 -7.92 -20.90
C LEU A 165 -12.78 -7.65 -20.37
N THR A 166 -12.31 -8.54 -19.50
CA THR A 166 -10.99 -8.45 -18.87
C THR A 166 -10.15 -9.71 -19.15
N SER A 167 -10.80 -10.86 -19.37
CA SER A 167 -10.11 -12.10 -19.60
C SER A 167 -9.42 -12.11 -20.96
N GLY A 168 -8.15 -12.50 -20.98
CA GLY A 168 -7.37 -12.57 -22.21
C GLY A 168 -6.87 -11.24 -22.74
N VAL A 169 -7.07 -10.15 -21.98
CA VAL A 169 -6.65 -8.82 -22.39
C VAL A 169 -5.17 -8.56 -22.06
N HIS A 170 -4.45 -7.95 -22.99
CA HIS A 170 -3.06 -7.53 -22.78
C HIS A 170 -2.88 -6.07 -23.19
N THR A 171 -2.78 -5.14 -22.23
CA THR A 171 -2.50 -3.74 -22.56
C THR A 171 -1.01 -3.51 -22.36
N PHE A 172 -0.30 -3.28 -23.46
CA PHE A 172 1.17 -3.14 -23.46
C PHE A 172 1.71 -1.89 -22.84
N PRO A 173 2.89 -1.96 -22.21
CA PRO A 173 3.55 -0.74 -21.75
C PRO A 173 3.86 0.17 -22.96
N ALA A 174 3.58 1.47 -22.87
CA ALA A 174 3.80 2.42 -23.96
C ALA A 174 5.25 2.48 -24.43
N VAL A 175 5.44 2.84 -25.70
CA VAL A 175 6.76 3.07 -26.28
C VAL A 175 6.89 4.57 -26.58
N LEU A 176 8.10 5.12 -26.43
CA LEU A 176 8.33 6.52 -26.74
C LEU A 176 8.75 6.57 -28.18
N GLN A 177 8.00 7.29 -29.03
CA GLN A 177 8.36 7.40 -30.44
C GLN A 177 9.42 8.49 -30.62
N SER A 178 10.17 8.46 -31.73
CA SER A 178 11.20 9.49 -31.98
C SER A 178 10.63 10.93 -31.96
N SER A 179 9.32 11.07 -32.14
CA SER A 179 8.60 12.35 -32.12
C SER A 179 8.44 12.94 -30.73
N GLY A 180 8.57 12.11 -29.69
CA GLY A 180 8.37 12.52 -28.29
C GLY A 180 7.01 12.11 -27.75
N LEU A 181 6.12 11.61 -28.61
CA LEU A 181 4.79 11.15 -28.27
C LEU A 181 4.82 9.66 -27.96
N TYR A 182 3.86 9.21 -27.19
CA TYR A 182 3.74 7.83 -26.79
C TYR A 182 2.78 7.05 -27.67
N SER A 183 2.89 5.74 -27.63
CA SER A 183 2.00 4.86 -28.36
C SER A 183 1.93 3.50 -27.65
N LEU A 184 0.75 2.85 -27.66
CA LEU A 184 0.57 1.51 -27.10
C LEU A 184 -0.54 0.76 -27.82
N SER A 185 -0.60 -0.56 -27.63
CA SER A 185 -1.71 -1.34 -28.14
C SER A 185 -2.32 -2.15 -27.01
N SER A 186 -3.58 -2.46 -27.15
CA SER A 186 -4.32 -3.26 -26.18
C SER A 186 -4.96 -4.36 -27.00
N VAL A 187 -4.58 -5.60 -26.76
CA VAL A 187 -5.11 -6.74 -27.51
C VAL A 187 -5.94 -7.69 -26.63
N VAL A 188 -6.76 -8.54 -27.25
CA VAL A 188 -7.56 -9.56 -26.56
C VAL A 188 -7.76 -10.77 -27.47
N THR A 189 -7.70 -11.98 -26.91
CA THR A 189 -7.98 -13.18 -27.69
C THR A 189 -9.35 -13.67 -27.30
N VAL A 190 -10.20 -13.87 -28.30
CA VAL A 190 -11.60 -14.26 -28.15
C VAL A 190 -11.91 -15.47 -29.04
N PRO A 191 -13.08 -16.13 -28.92
CA PRO A 191 -13.38 -17.24 -29.85
C PRO A 191 -13.68 -16.69 -31.24
N SER A 192 -12.98 -17.18 -32.27
CA SER A 192 -13.23 -16.69 -33.62
C SER A 192 -14.64 -17.10 -34.14
N SER A 193 -15.23 -18.17 -33.59
CA SER A 193 -16.55 -18.61 -34.04
C SER A 193 -17.65 -17.56 -33.84
N SER A 194 -17.61 -16.83 -32.71
CA SER A 194 -18.62 -15.83 -32.43
C SER A 194 -18.24 -14.42 -32.90
N LEU A 195 -17.20 -14.26 -33.75
CA LEU A 195 -16.84 -12.93 -34.24
C LEU A 195 -18.00 -12.17 -34.90
N GLY A 196 -19.02 -12.90 -35.36
CA GLY A 196 -20.17 -12.33 -36.03
C GLY A 196 -21.27 -11.87 -35.11
N THR A 197 -21.33 -12.41 -33.88
CA THR A 197 -22.40 -12.07 -32.94
C THR A 197 -21.93 -11.23 -31.75
N GLN A 198 -20.63 -11.20 -31.48
CA GLN A 198 -20.11 -10.43 -30.34
C GLN A 198 -19.61 -9.08 -30.75
N THR A 199 -19.67 -8.13 -29.82
CA THR A 199 -19.18 -6.78 -30.07
C THR A 199 -17.99 -6.50 -29.16
N TYR A 200 -16.93 -5.97 -29.73
CA TYR A 200 -15.74 -5.66 -28.95
C TYR A 200 -15.45 -4.19 -29.13
N ILE A 201 -15.62 -3.42 -28.07
CA ILE A 201 -15.37 -1.99 -28.10
C ILE A 201 -14.28 -1.66 -27.07
N CYS A 202 -13.17 -1.06 -27.51
CA CYS A 202 -12.16 -0.64 -26.54
C CYS A 202 -12.46 0.79 -26.07
N ASN A 203 -12.34 1.03 -24.77
CA ASN A 203 -12.60 2.32 -24.15
C ASN A 203 -11.29 2.94 -23.71
N VAL A 204 -10.83 3.94 -24.44
CA VAL A 204 -9.57 4.60 -24.16
C VAL A 204 -9.77 5.91 -23.40
N ASN A 205 -9.02 6.09 -22.32
CA ASN A 205 -9.09 7.30 -21.54
C ASN A 205 -7.70 7.92 -21.37
N HIS A 206 -7.56 9.19 -21.70
CA HIS A 206 -6.33 9.95 -21.54
C HIS A 206 -6.67 11.21 -20.73
N LYS A 207 -6.71 11.10 -19.39
CA LYS A 207 -7.08 12.20 -18.51
C LYS A 207 -6.33 13.51 -18.79
N PRO A 208 -4.98 13.54 -18.94
CA PRO A 208 -4.30 14.83 -19.18
C PRO A 208 -4.91 15.75 -20.25
N SER A 209 -5.44 15.19 -21.33
CA SER A 209 -6.04 15.99 -22.40
C SER A 209 -7.58 15.93 -22.44
N ASN A 210 -8.21 15.27 -21.43
CA ASN A 210 -9.65 15.06 -21.33
C ASN A 210 -10.19 14.26 -22.52
N THR A 211 -9.42 13.28 -22.99
CA THR A 211 -9.83 12.46 -24.12
C THR A 211 -10.45 11.14 -23.64
N LYS A 212 -11.66 10.84 -24.08
CA LYS A 212 -12.31 9.58 -23.76
C LYS A 212 -12.90 9.09 -25.09
N VAL A 213 -12.30 8.06 -25.68
CA VAL A 213 -12.74 7.54 -26.97
C VAL A 213 -13.21 6.10 -26.83
N ASP A 214 -14.29 5.73 -27.51
CA ASP A 214 -14.75 4.34 -27.56
C ASP A 214 -14.62 3.92 -29.03
N LYS A 215 -13.91 2.83 -29.31
CA LYS A 215 -13.72 2.39 -30.69
C LYS A 215 -14.19 0.95 -30.86
N ARG A 216 -15.14 0.72 -31.77
CA ARG A 216 -15.62 -0.64 -32.03
C ARG A 216 -14.67 -1.36 -32.99
N VAL A 217 -14.18 -2.54 -32.61
CA VAL A 217 -13.28 -3.31 -33.45
C VAL A 217 -14.10 -4.37 -34.15
N GLU A 218 -14.30 -4.20 -35.46
CA GLU A 218 -15.09 -5.08 -36.29
C GLU A 218 -14.18 -5.99 -37.13
N PRO A 219 -14.63 -7.23 -37.38
CA PRO A 219 -13.84 -8.14 -38.23
C PRO A 219 -13.68 -7.58 -39.64
N LYS A 220 -12.51 -7.81 -40.25
CA LYS A 220 -12.26 -7.31 -41.59
C LYS A 220 -12.80 -8.27 -42.65
N GLN B 1 17.40 8.36 9.88
CA GLN B 1 16.55 7.60 8.98
C GLN B 1 16.86 6.12 9.18
N ILE B 2 15.84 5.28 9.44
CA ILE B 2 16.09 3.84 9.57
C ILE B 2 16.17 3.32 8.17
N VAL B 3 17.37 3.03 7.69
CA VAL B 3 17.54 2.53 6.33
C VAL B 3 17.19 1.06 6.28
N LEU B 4 16.40 0.63 5.29
CA LEU B 4 16.03 -0.77 5.14
C LEU B 4 16.72 -1.34 3.92
N THR B 5 17.61 -2.30 4.13
CA THR B 5 18.34 -2.92 3.03
C THR B 5 17.67 -4.23 2.67
N GLN B 6 17.03 -4.26 1.51
CA GLN B 6 16.31 -5.45 1.09
C GLN B 6 17.10 -6.24 0.09
N SER B 7 17.10 -7.56 0.26
CA SER B 7 17.82 -8.43 -0.67
C SER B 7 17.14 -9.81 -0.80
N PRO B 8 17.23 -10.47 -1.97
CA PRO B 8 17.88 -9.99 -3.22
C PRO B 8 16.99 -8.98 -3.96
N GLY B 9 17.54 -8.32 -4.96
CA GLY B 9 16.79 -7.37 -5.76
C GLY B 9 15.82 -8.08 -6.69
N THR B 10 16.23 -9.27 -7.18
CA THR B 10 15.47 -10.10 -8.09
C THR B 10 15.61 -11.56 -7.68
N LEU B 11 14.56 -12.33 -7.86
CA LEU B 11 14.52 -13.71 -7.50
C LEU B 11 13.79 -14.44 -8.63
N SER B 12 14.43 -15.42 -9.30
CA SER B 12 13.78 -16.15 -10.39
C SER B 12 13.73 -17.62 -9.95
N LEU B 13 12.52 -18.14 -9.69
CA LEU B 13 12.35 -19.49 -9.17
C LEU B 13 11.18 -20.21 -9.83
N SER B 14 11.17 -21.55 -9.77
CA SER B 14 10.08 -22.36 -10.34
C SER B 14 8.89 -22.53 -9.36
N PRO B 15 7.66 -22.84 -9.86
CA PRO B 15 6.53 -23.05 -8.93
C PRO B 15 6.78 -24.27 -8.04
N GLY B 16 6.36 -24.19 -6.79
CA GLY B 16 6.59 -25.27 -5.83
C GLY B 16 7.84 -25.07 -5.00
N GLU B 17 8.77 -24.19 -5.47
CA GLU B 17 10.01 -23.88 -4.77
C GLU B 17 9.76 -22.92 -3.57
N ARG B 18 10.79 -22.71 -2.75
CA ARG B 18 10.74 -21.84 -1.60
C ARG B 18 11.43 -20.50 -1.90
N ALA B 19 10.72 -19.39 -1.70
CA ALA B 19 11.27 -18.06 -1.93
C ALA B 19 11.59 -17.39 -0.61
N THR B 20 12.75 -16.74 -0.52
CA THR B 20 13.15 -16.08 0.70
C THR B 20 13.70 -14.70 0.40
N MET B 21 13.21 -13.68 1.11
CA MET B 21 13.70 -12.32 0.95
C MET B 21 13.91 -11.72 2.30
N THR B 22 15.04 -11.06 2.49
CA THR B 22 15.38 -10.48 3.75
C THR B 22 15.38 -8.96 3.70
N CYS B 23 15.26 -8.37 4.88
CA CYS B 23 15.29 -6.94 5.04
C CYS B 23 16.13 -6.70 6.30
N THR B 24 17.21 -5.94 6.16
CA THR B 24 18.09 -5.60 7.27
C THR B 24 17.92 -4.11 7.59
N ALA B 25 17.50 -3.81 8.82
CA ALA B 25 17.28 -2.43 9.24
C ALA B 25 18.53 -1.85 9.89
N SER B 26 18.84 -0.58 9.61
CA SER B 26 20.02 0.09 10.17
C SER B 26 19.92 0.24 11.68
N SER B 27 18.71 0.44 12.21
CA SER B 27 18.47 0.51 13.66
C SER B 27 17.38 -0.49 14.01
N SER B 28 17.30 -0.92 15.27
CA SER B 28 16.28 -1.87 15.70
C SER B 28 14.86 -1.35 15.46
N VAL B 29 14.00 -2.20 14.89
CA VAL B 29 12.61 -1.85 14.64
C VAL B 29 11.73 -2.81 15.45
N SER B 30 10.77 -2.28 16.22
CA SER B 30 9.86 -3.12 16.97
C SER B 30 8.97 -3.91 16.02
N SER B 31 8.68 -5.17 16.35
CA SER B 31 7.99 -6.11 15.48
C SER B 31 6.57 -5.67 15.06
N SER B 32 5.87 -4.92 15.89
CA SER B 32 4.54 -4.39 15.53
C SER B 32 4.59 -3.33 14.44
N TYR B 33 5.78 -2.79 14.15
CA TYR B 33 5.93 -1.74 13.15
C TYR B 33 6.63 -2.23 11.88
N PHE B 34 6.84 -3.54 11.70
CA PHE B 34 7.50 -4.06 10.52
C PHE B 34 6.50 -4.74 9.59
N HIS B 35 6.42 -4.28 8.34
CA HIS B 35 5.43 -4.82 7.41
C HIS B 35 6.01 -5.09 6.01
N TRP B 36 5.29 -5.87 5.20
CA TRP B 36 5.59 -6.20 3.82
C TRP B 36 4.38 -5.84 2.96
N TYR B 37 4.63 -5.42 1.72
CA TYR B 37 3.60 -5.04 0.75
C TYR B 37 3.89 -5.73 -0.55
N GLN B 38 2.83 -6.10 -1.28
CA GLN B 38 2.98 -6.70 -2.58
C GLN B 38 2.50 -5.69 -3.63
N GLN B 39 3.28 -5.47 -4.68
CA GLN B 39 2.89 -4.57 -5.75
C GLN B 39 3.07 -5.23 -7.11
N LYS B 40 1.99 -5.33 -7.87
CA LYS B 40 1.99 -5.86 -9.23
C LYS B 40 2.06 -4.65 -10.19
N PRO B 41 2.66 -4.79 -11.38
CA PRO B 41 2.79 -3.62 -12.29
C PRO B 41 1.44 -2.94 -12.61
N GLY B 42 1.45 -1.61 -12.56
CA GLY B 42 0.28 -0.77 -12.80
C GLY B 42 -0.67 -0.63 -11.63
N GLN B 43 -0.34 -1.23 -10.47
CA GLN B 43 -1.25 -1.18 -9.32
C GLN B 43 -0.66 -0.54 -8.08
N ALA B 44 -1.53 -0.16 -7.14
CA ALA B 44 -1.08 0.40 -5.86
C ALA B 44 -0.53 -0.73 -5.01
N PRO B 45 0.42 -0.46 -4.08
CA PRO B 45 0.89 -1.53 -3.18
C PRO B 45 -0.26 -2.09 -2.35
N ARG B 46 -0.14 -3.33 -1.92
CA ARG B 46 -1.19 -3.99 -1.16
C ARG B 46 -0.58 -4.52 0.13
N LEU B 47 -1.19 -4.27 1.31
CA LEU B 47 -0.64 -4.80 2.57
C LEU B 47 -0.60 -6.35 2.53
N TRP B 48 0.57 -6.95 2.80
CA TRP B 48 0.72 -8.41 2.68
C TRP B 48 0.99 -9.08 4.03
N ILE B 49 1.97 -8.57 4.76
CA ILE B 49 2.31 -9.03 6.10
C ILE B 49 2.38 -7.79 6.95
N TYR B 50 1.76 -7.82 8.12
CA TYR B 50 1.80 -6.70 9.04
C TYR B 50 2.17 -7.20 10.43
N ARG B 51 2.78 -6.35 11.26
CA ARG B 51 3.21 -6.77 12.60
C ARG B 51 4.19 -7.96 12.54
N THR B 52 5.07 -7.95 11.51
CA THR B 52 6.13 -8.91 11.22
C THR B 52 5.65 -10.26 10.66
N SER B 53 4.58 -10.83 11.22
CA SER B 53 4.12 -12.17 10.87
C SER B 53 2.62 -12.34 10.62
N ARG B 54 1.81 -11.31 10.80
CA ARG B 54 0.37 -11.45 10.59
C ARG B 54 0.04 -11.33 9.10
N LEU B 55 -0.76 -12.27 8.57
CA LEU B 55 -1.12 -12.22 7.16
C LEU B 55 -2.29 -11.33 6.95
N ALA B 56 -2.21 -10.43 5.95
CA ALA B 56 -3.34 -9.54 5.65
C ALA B 56 -4.48 -10.36 5.02
N SER B 57 -5.70 -9.80 4.99
CA SER B 57 -6.85 -10.49 4.41
C SER B 57 -6.58 -10.85 2.94
N GLY B 58 -6.81 -12.13 2.61
CA GLY B 58 -6.61 -12.65 1.27
C GLY B 58 -5.21 -13.18 0.98
N VAL B 59 -4.34 -13.16 1.98
CA VAL B 59 -2.97 -13.62 1.80
C VAL B 59 -2.88 -15.12 2.11
N PRO B 60 -2.47 -15.93 1.12
CA PRO B 60 -2.40 -17.38 1.33
C PRO B 60 -1.36 -17.84 2.35
N ASP B 61 -1.67 -18.93 3.06
CA ASP B 61 -0.86 -19.55 4.11
C ASP B 61 0.58 -19.86 3.71
N ARG B 62 0.86 -20.02 2.40
CA ARG B 62 2.23 -20.29 1.97
C ARG B 62 3.20 -19.13 2.27
N PHE B 63 2.66 -17.92 2.57
CA PHE B 63 3.41 -16.74 2.93
C PHE B 63 3.63 -16.75 4.44
N SER B 64 4.84 -16.43 4.86
CA SER B 64 5.21 -16.44 6.26
C SER B 64 6.16 -15.27 6.49
N GLY B 65 5.98 -14.57 7.58
CA GLY B 65 6.85 -13.46 7.92
C GLY B 65 7.47 -13.70 9.27
N SER B 66 8.76 -13.41 9.41
CA SER B 66 9.44 -13.58 10.70
C SER B 66 10.53 -12.53 10.88
N GLY B 67 11.04 -12.39 12.10
CA GLY B 67 12.10 -11.46 12.38
C GLY B 67 11.95 -10.66 13.65
N SER B 68 13.04 -10.01 14.03
CA SER B 68 13.12 -9.17 15.23
C SER B 68 14.35 -8.27 15.10
N GLY B 69 14.39 -7.22 15.90
CA GLY B 69 15.52 -6.29 15.93
C GLY B 69 15.80 -5.64 14.60
N THR B 70 16.89 -6.05 13.96
CA THR B 70 17.29 -5.49 12.69
C THR B 70 17.19 -6.48 11.53
N ASP B 71 16.65 -7.69 11.73
CA ASP B 71 16.61 -8.71 10.68
C ASP B 71 15.23 -9.30 10.47
N PHE B 72 14.68 -9.12 9.25
CA PHE B 72 13.33 -9.61 8.94
C PHE B 72 13.32 -10.42 7.65
N THR B 73 12.35 -11.34 7.52
CA THR B 73 12.30 -12.25 6.38
C THR B 73 10.87 -12.51 5.92
N LEU B 74 10.66 -12.61 4.61
CA LEU B 74 9.39 -12.99 4.02
C LEU B 74 9.67 -14.30 3.28
N THR B 75 8.87 -15.33 3.54
CA THR B 75 9.09 -16.64 2.95
C THR B 75 7.84 -17.14 2.23
N ILE B 76 8.02 -17.75 1.07
CA ILE B 76 6.92 -18.36 0.34
C ILE B 76 7.31 -19.84 0.26
N SER B 77 6.61 -20.70 1.00
CA SER B 77 6.95 -22.12 1.11
C SER B 77 6.83 -22.93 -0.18
N ARG B 78 5.85 -22.58 -1.04
CA ARG B 78 5.65 -23.30 -2.31
C ARG B 78 5.01 -22.35 -3.30
N LEU B 79 5.85 -21.64 -4.08
CA LEU B 79 5.48 -20.64 -5.08
C LEU B 79 4.36 -21.02 -6.03
N GLU B 80 3.42 -20.10 -6.23
CA GLU B 80 2.36 -20.23 -7.22
C GLU B 80 2.56 -19.11 -8.25
N PRO B 81 2.07 -19.23 -9.49
CA PRO B 81 2.25 -18.15 -10.47
C PRO B 81 1.80 -16.75 -10.02
N GLU B 82 0.72 -16.68 -9.24
CA GLU B 82 0.16 -15.41 -8.72
C GLU B 82 1.06 -14.68 -7.73
N ASP B 83 2.20 -15.27 -7.37
CA ASP B 83 3.15 -14.64 -6.46
C ASP B 83 4.13 -13.70 -7.13
N ALA B 84 4.17 -13.69 -8.47
CA ALA B 84 5.03 -12.81 -9.26
C ALA B 84 4.58 -11.37 -9.00
N ALA B 85 5.46 -10.58 -8.41
CA ALA B 85 5.21 -9.18 -8.02
C ALA B 85 6.52 -8.60 -7.41
N THR B 86 6.54 -7.29 -7.08
CA THR B 86 7.63 -6.74 -6.30
C THR B 86 7.11 -6.64 -4.87
N TYR B 87 7.93 -7.04 -3.90
CA TYR B 87 7.61 -6.96 -2.49
C TYR B 87 8.47 -5.93 -1.81
N TYR B 88 7.89 -5.15 -0.88
CA TYR B 88 8.65 -4.14 -0.18
C TYR B 88 8.56 -4.26 1.31
N CYS B 89 9.70 -4.15 2.05
CA CYS B 89 9.60 -4.07 3.50
C CYS B 89 9.25 -2.62 3.92
N HIS B 90 8.81 -2.41 5.15
CA HIS B 90 8.36 -1.10 5.61
C HIS B 90 8.49 -1.02 7.11
N GLN B 91 8.90 0.15 7.64
CA GLN B 91 8.92 0.35 9.07
C GLN B 91 8.02 1.53 9.44
N PHE B 92 7.20 1.34 10.48
CA PHE B 92 6.30 2.35 10.98
C PHE B 92 6.71 2.76 12.43
N HIS B 93 8.00 2.56 12.80
CA HIS B 93 8.52 2.80 14.14
C HIS B 93 9.02 4.22 14.35
N ARG B 94 9.82 4.78 13.42
CA ARG B 94 10.39 6.11 13.59
C ARG B 94 10.30 6.90 12.32
N SER B 95 10.03 8.19 12.45
CA SER B 95 9.93 9.08 11.31
C SER B 95 11.34 9.43 10.81
N PRO B 96 11.53 9.56 9.47
CA PRO B 96 10.54 9.33 8.42
C PRO B 96 10.31 7.85 8.16
N LEU B 97 9.11 7.48 7.70
CA LEU B 97 8.84 6.08 7.38
C LEU B 97 9.66 5.67 6.19
N THR B 98 10.24 4.47 6.22
CA THR B 98 11.09 4.00 5.14
C THR B 98 10.64 2.65 4.63
N PHE B 99 10.97 2.38 3.39
CA PHE B 99 10.64 1.13 2.72
C PHE B 99 11.93 0.54 2.16
N GLY B 100 11.92 -0.77 1.88
CA GLY B 100 13.06 -1.39 1.20
C GLY B 100 12.99 -1.10 -0.29
N ALA B 101 14.07 -1.33 -1.02
CA ALA B 101 14.06 -1.10 -2.49
C ALA B 101 13.27 -2.14 -3.28
N GLY B 102 12.87 -3.22 -2.64
CA GLY B 102 12.06 -4.25 -3.28
C GLY B 102 12.82 -5.50 -3.68
N THR B 103 12.05 -6.57 -3.86
CA THR B 103 12.53 -7.86 -4.32
C THR B 103 11.52 -8.24 -5.36
N LYS B 104 11.95 -8.26 -6.63
CA LYS B 104 11.06 -8.58 -7.71
C LYS B 104 11.12 -10.08 -7.89
N LEU B 105 10.00 -10.78 -7.70
CA LEU B 105 9.96 -12.22 -7.81
C LEU B 105 9.44 -12.63 -9.19
N GLU B 106 10.31 -13.23 -10.01
CA GLU B 106 9.98 -13.73 -11.34
C GLU B 106 9.77 -15.24 -11.25
N ILE B 107 8.77 -15.76 -11.97
CA ILE B 107 8.45 -17.18 -11.91
C ILE B 107 8.94 -17.94 -13.15
N LYS B 108 9.83 -18.91 -12.98
CA LYS B 108 10.31 -19.76 -14.08
C LYS B 108 9.27 -20.83 -14.33
N ARG B 109 8.76 -20.94 -15.56
CA ARG B 109 7.79 -21.98 -15.97
C ARG B 109 8.33 -22.79 -17.19
N THR B 110 7.59 -23.81 -17.69
CA THR B 110 8.07 -24.56 -18.86
C THR B 110 8.04 -23.69 -20.12
N VAL B 111 8.86 -24.04 -21.11
CA VAL B 111 8.94 -23.34 -22.38
C VAL B 111 7.58 -23.31 -23.08
N ALA B 112 7.11 -22.12 -23.45
CA ALA B 112 5.84 -21.92 -24.13
C ALA B 112 6.09 -21.13 -25.40
N ALA B 113 5.63 -21.64 -26.54
CA ALA B 113 5.82 -20.98 -27.81
C ALA B 113 4.81 -19.85 -27.98
N PRO B 114 5.18 -18.75 -28.65
CA PRO B 114 4.21 -17.66 -28.87
C PRO B 114 3.20 -17.94 -29.97
N SER B 115 1.96 -17.47 -29.79
CA SER B 115 0.95 -17.54 -30.84
C SER B 115 1.15 -16.23 -31.58
N VAL B 116 1.50 -16.28 -32.86
CA VAL B 116 1.76 -15.07 -33.63
C VAL B 116 0.52 -14.62 -34.42
N PHE B 117 0.25 -13.30 -34.42
CA PHE B 117 -0.86 -12.65 -35.10
C PHE B 117 -0.33 -11.40 -35.82
N ILE B 118 -0.88 -11.07 -37.01
CA ILE B 118 -0.46 -9.86 -37.70
C ILE B 118 -1.70 -9.00 -38.04
N PHE B 119 -1.55 -7.68 -37.90
CA PHE B 119 -2.62 -6.73 -38.15
C PHE B 119 -2.23 -5.68 -39.18
N PRO B 120 -2.97 -5.61 -40.29
CA PRO B 120 -2.69 -4.58 -41.29
C PRO B 120 -3.12 -3.20 -40.79
N PRO B 121 -2.59 -2.07 -41.31
CA PRO B 121 -3.04 -0.76 -40.83
C PRO B 121 -4.55 -0.56 -41.08
N SER B 122 -5.20 0.22 -40.22
CA SER B 122 -6.62 0.47 -40.36
C SER B 122 -6.86 1.47 -41.50
N ASP B 123 -8.07 1.42 -42.09
CA ASP B 123 -8.43 2.36 -43.14
C ASP B 123 -8.54 3.80 -42.57
N GLU B 124 -8.89 3.92 -41.28
CA GLU B 124 -8.99 5.21 -40.61
C GLU B 124 -7.60 5.85 -40.46
N GLN B 125 -6.57 5.03 -40.19
CA GLN B 125 -5.21 5.53 -40.05
C GLN B 125 -4.57 5.84 -41.39
N LEU B 126 -4.83 5.00 -42.40
CA LEU B 126 -4.31 5.22 -43.75
C LEU B 126 -4.78 6.55 -44.33
N LYS B 127 -6.02 6.92 -44.03
CA LYS B 127 -6.65 8.17 -44.43
C LYS B 127 -5.83 9.37 -43.93
N SER B 128 -5.22 9.26 -42.74
CA SER B 128 -4.43 10.33 -42.15
C SER B 128 -2.97 10.43 -42.62
N GLY B 129 -2.58 9.57 -43.55
CA GLY B 129 -1.22 9.60 -44.09
C GLY B 129 -0.19 8.69 -43.46
N THR B 130 -0.56 7.91 -42.43
CA THR B 130 0.40 6.98 -41.80
C THR B 130 -0.11 5.53 -41.81
N ALA B 131 0.81 4.57 -41.81
CA ALA B 131 0.48 3.15 -41.80
C ALA B 131 1.30 2.40 -40.76
N SER B 132 0.64 1.86 -39.73
CA SER B 132 1.30 1.07 -38.70
C SER B 132 0.82 -0.38 -38.79
N VAL B 133 1.78 -1.31 -38.87
CA VAL B 133 1.54 -2.74 -38.96
C VAL B 133 1.93 -3.35 -37.61
N VAL B 134 0.98 -4.05 -36.92
CA VAL B 134 1.28 -4.64 -35.62
C VAL B 134 1.45 -6.16 -35.69
N CYS B 135 2.52 -6.68 -35.09
CA CYS B 135 2.79 -8.11 -34.96
C CYS B 135 2.64 -8.43 -33.43
N LEU B 136 1.83 -9.45 -33.10
CA LEU B 136 1.58 -9.84 -31.72
C LEU B 136 2.07 -11.27 -31.42
N LEU B 137 2.93 -11.40 -30.41
CA LEU B 137 3.44 -12.69 -29.94
C LEU B 137 2.74 -12.90 -28.61
N ASN B 138 1.80 -13.83 -28.56
CA ASN B 138 0.97 -14.04 -27.39
C ASN B 138 1.38 -15.20 -26.51
N ASN B 139 1.35 -14.97 -25.19
CA ASN B 139 1.60 -15.96 -24.13
C ASN B 139 2.80 -16.91 -24.38
N PHE B 140 4.02 -16.38 -24.34
CA PHE B 140 5.21 -17.20 -24.52
C PHE B 140 6.13 -17.19 -23.29
N TYR B 141 7.09 -18.12 -23.23
CA TYR B 141 8.09 -18.19 -22.17
C TYR B 141 9.32 -18.99 -22.66
N PRO B 142 10.58 -18.51 -22.47
CA PRO B 142 11.02 -17.27 -21.80
C PRO B 142 10.73 -15.97 -22.58
N ARG B 143 10.99 -14.79 -21.98
CA ARG B 143 10.68 -13.50 -22.62
C ARG B 143 11.56 -13.18 -23.83
N GLU B 144 12.62 -13.95 -24.06
CA GLU B 144 13.52 -13.72 -25.18
C GLU B 144 12.90 -14.22 -26.47
N ALA B 145 12.42 -13.28 -27.26
CA ALA B 145 11.83 -13.52 -28.57
C ALA B 145 12.48 -12.55 -29.56
N LYS B 146 12.65 -12.97 -30.81
CA LYS B 146 13.26 -12.14 -31.83
C LYS B 146 12.24 -11.96 -32.95
N VAL B 147 11.85 -10.71 -33.21
CA VAL B 147 10.85 -10.38 -34.23
C VAL B 147 11.50 -9.60 -35.35
N GLN B 148 11.44 -10.14 -36.57
CA GLN B 148 12.00 -9.50 -37.76
C GLN B 148 10.90 -9.09 -38.70
N TRP B 149 10.98 -7.87 -39.25
CA TRP B 149 9.99 -7.40 -40.22
C TRP B 149 10.56 -7.58 -41.61
N LYS B 150 9.74 -8.04 -42.56
CA LYS B 150 10.16 -8.22 -43.95
C LYS B 150 9.11 -7.67 -44.88
N VAL B 151 9.50 -6.72 -45.72
CA VAL B 151 8.59 -6.08 -46.68
C VAL B 151 9.04 -6.48 -48.09
N ASP B 152 8.31 -7.43 -48.70
CA ASP B 152 8.64 -8.04 -49.98
C ASP B 152 9.95 -8.83 -49.83
N ASN B 153 10.04 -9.61 -48.75
CA ASN B 153 11.21 -10.42 -48.40
C ASN B 153 12.46 -9.59 -48.09
N ALA B 154 12.33 -8.26 -47.89
CA ALA B 154 13.46 -7.42 -47.54
C ALA B 154 13.41 -7.16 -46.03
N LEU B 155 14.46 -7.58 -45.33
CA LEU B 155 14.58 -7.40 -43.89
C LEU B 155 14.61 -5.90 -43.56
N GLN B 156 13.67 -5.47 -42.72
CA GLN B 156 13.57 -4.08 -42.33
C GLN B 156 14.47 -3.77 -41.16
N SER B 157 14.87 -2.50 -41.04
CA SER B 157 15.67 -2.05 -39.92
C SER B 157 15.43 -0.57 -39.69
N GLY B 158 15.18 -0.19 -38.46
CA GLY B 158 15.02 1.20 -38.10
C GLY B 158 13.63 1.80 -38.12
N ASN B 159 12.61 0.99 -38.44
CA ASN B 159 11.25 1.53 -38.52
C ASN B 159 10.22 0.80 -37.64
N SER B 160 10.68 0.07 -36.63
CA SER B 160 9.76 -0.63 -35.73
C SER B 160 10.06 -0.37 -34.21
N GLN B 161 9.09 -0.71 -33.34
CA GLN B 161 9.20 -0.54 -31.89
C GLN B 161 8.54 -1.74 -31.19
N GLU B 162 9.24 -2.29 -30.20
CA GLU B 162 8.78 -3.46 -29.47
C GLU B 162 8.38 -3.06 -28.06
N SER B 163 7.48 -3.82 -27.46
CA SER B 163 7.03 -3.60 -26.10
C SER B 163 6.61 -4.96 -25.57
N VAL B 164 7.07 -5.32 -24.37
CA VAL B 164 6.75 -6.60 -23.71
C VAL B 164 5.97 -6.32 -22.44
N THR B 165 5.00 -7.18 -22.14
CA THR B 165 4.20 -7.03 -20.94
C THR B 165 4.99 -7.53 -19.68
N GLU B 166 4.43 -7.29 -18.50
CA GLU B 166 4.91 -7.90 -17.26
C GLU B 166 4.54 -9.40 -17.36
N GLN B 167 5.05 -10.21 -16.42
CA GLN B 167 4.71 -11.62 -16.40
C GLN B 167 3.25 -11.79 -16.02
N ASP B 168 2.53 -12.71 -16.66
CA ASP B 168 1.12 -12.93 -16.36
C ASP B 168 0.96 -13.61 -15.01
N SER B 169 -0.01 -13.14 -14.21
CA SER B 169 -0.24 -13.72 -12.89
C SER B 169 -0.88 -15.14 -12.86
N LYS B 170 -1.40 -15.62 -13.99
CA LYS B 170 -2.02 -16.95 -14.03
C LYS B 170 -1.17 -18.00 -14.70
N ASP B 171 -0.51 -17.65 -15.82
CA ASP B 171 0.30 -18.65 -16.52
C ASP B 171 1.78 -18.33 -16.60
N SER B 172 2.25 -17.24 -15.98
CA SER B 172 3.67 -16.83 -15.98
C SER B 172 4.28 -16.60 -17.35
N THR B 173 3.46 -16.30 -18.35
CA THR B 173 3.96 -16.02 -19.69
C THR B 173 4.13 -14.51 -19.92
N TYR B 174 4.81 -14.15 -21.02
CA TYR B 174 4.99 -12.78 -21.47
C TYR B 174 4.29 -12.62 -22.83
N SER B 175 3.96 -11.39 -23.20
CA SER B 175 3.41 -11.10 -24.52
C SER B 175 4.19 -9.94 -25.12
N LEU B 176 4.36 -9.92 -26.43
CA LEU B 176 5.15 -8.89 -27.08
C LEU B 176 4.37 -8.31 -28.27
N SER B 177 4.50 -7.01 -28.46
CA SER B 177 3.88 -6.25 -29.51
C SER B 177 4.98 -5.55 -30.30
N SER B 178 5.04 -5.73 -31.63
CA SER B 178 6.00 -5.03 -32.47
C SER B 178 5.22 -4.22 -33.49
N THR B 179 5.41 -2.91 -33.52
CA THR B 179 4.71 -2.06 -34.49
C THR B 179 5.69 -1.48 -35.50
N LEU B 180 5.50 -1.82 -36.77
CA LEU B 180 6.28 -1.31 -37.89
C LEU B 180 5.51 -0.08 -38.38
N THR B 181 6.13 1.11 -38.36
CA THR B 181 5.44 2.31 -38.83
C THR B 181 6.09 2.87 -40.08
N LEU B 182 5.27 3.10 -41.10
CA LEU B 182 5.68 3.65 -42.39
C LEU B 182 4.71 4.75 -42.80
N SER B 183 5.12 5.64 -43.71
CA SER B 183 4.19 6.65 -44.23
C SER B 183 3.23 5.94 -45.20
N LYS B 184 2.08 6.55 -45.49
CA LYS B 184 1.10 5.97 -46.43
C LYS B 184 1.72 5.75 -47.82
N ALA B 185 2.61 6.67 -48.25
CA ALA B 185 3.26 6.55 -49.55
C ALA B 185 4.21 5.36 -49.58
N ASP B 186 4.98 5.16 -48.49
CA ASP B 186 5.91 4.03 -48.41
C ASP B 186 5.17 2.70 -48.23
N TYR B 187 4.01 2.71 -47.56
CA TYR B 187 3.20 1.53 -47.38
C TYR B 187 2.68 1.04 -48.74
N GLU B 188 2.26 1.98 -49.60
CA GLU B 188 1.77 1.66 -50.93
C GLU B 188 2.83 1.19 -51.93
N LYS B 189 4.10 1.50 -51.68
CA LYS B 189 5.18 1.07 -52.57
C LYS B 189 5.53 -0.42 -52.44
N HIS B 190 4.90 -1.18 -51.52
CA HIS B 190 5.23 -2.60 -51.32
C HIS B 190 3.98 -3.47 -51.17
N LYS B 191 4.09 -4.79 -51.41
CA LYS B 191 2.93 -5.67 -51.33
C LYS B 191 2.89 -6.64 -50.15
N VAL B 192 4.00 -7.37 -49.87
CA VAL B 192 3.99 -8.37 -48.80
C VAL B 192 4.55 -7.84 -47.48
N TYR B 193 3.69 -7.77 -46.44
CA TYR B 193 4.10 -7.34 -45.11
C TYR B 193 4.15 -8.56 -44.21
N ALA B 194 5.34 -8.89 -43.69
CA ALA B 194 5.48 -10.09 -42.86
C ALA B 194 6.32 -9.89 -41.59
N CYS B 195 6.00 -10.64 -40.52
CA CYS B 195 6.84 -10.64 -39.33
C CYS B 195 7.20 -12.08 -39.03
N GLU B 196 8.48 -12.31 -38.80
CA GLU B 196 9.04 -13.62 -38.54
C GLU B 196 9.51 -13.69 -37.08
N VAL B 197 8.99 -14.68 -36.34
CA VAL B 197 9.28 -14.86 -34.93
C VAL B 197 10.19 -16.05 -34.63
N THR B 198 11.25 -15.81 -33.86
CA THR B 198 12.16 -16.85 -33.42
C THR B 198 12.07 -16.97 -31.89
N HIS B 199 11.79 -18.19 -31.40
CA HIS B 199 11.65 -18.44 -29.97
C HIS B 199 12.08 -19.86 -29.61
N GLN B 200 12.58 -20.07 -28.38
CA GLN B 200 13.02 -21.36 -27.84
C GLN B 200 11.94 -22.45 -28.03
N GLY B 201 10.67 -22.05 -27.93
CA GLY B 201 9.52 -22.93 -28.09
C GLY B 201 9.13 -23.27 -29.52
N LEU B 202 9.82 -22.70 -30.50
CA LEU B 202 9.57 -22.95 -31.91
C LEU B 202 10.77 -23.72 -32.48
N SER B 203 10.50 -24.86 -33.12
CA SER B 203 11.57 -25.65 -33.75
C SER B 203 12.10 -24.95 -35.03
N SER B 204 11.22 -24.17 -35.71
CA SER B 204 11.56 -23.39 -36.90
C SER B 204 10.82 -22.05 -36.82
N PRO B 205 11.43 -20.93 -37.27
CA PRO B 205 10.76 -19.62 -37.18
C PRO B 205 9.39 -19.56 -37.84
N VAL B 206 8.44 -18.93 -37.17
CA VAL B 206 7.06 -18.78 -37.64
C VAL B 206 6.94 -17.47 -38.39
N THR B 207 6.26 -17.48 -39.53
CA THR B 207 6.06 -16.26 -40.31
C THR B 207 4.58 -15.98 -40.50
N LYS B 208 4.13 -14.79 -40.11
CA LYS B 208 2.76 -14.36 -40.32
C LYS B 208 2.84 -13.23 -41.32
N SER B 209 2.13 -13.36 -42.44
CA SER B 209 2.20 -12.37 -43.50
C SER B 209 0.84 -12.04 -44.10
N PHE B 210 0.78 -10.89 -44.77
CA PHE B 210 -0.41 -10.46 -45.47
C PHE B 210 -0.02 -9.68 -46.72
N ASN B 211 -0.85 -9.74 -47.76
CA ASN B 211 -0.62 -8.99 -48.97
C ASN B 211 -1.48 -7.75 -48.88
N ARG B 212 -0.88 -6.55 -49.04
CA ARG B 212 -1.56 -5.26 -48.97
C ARG B 212 -2.87 -5.22 -49.77
N GLY B 213 -3.98 -5.16 -49.04
CA GLY B 213 -5.30 -5.19 -49.65
C GLY B 213 -5.85 -6.61 -49.72
N GLU B 214 -5.22 -7.46 -50.56
CA GLU B 214 -5.60 -8.86 -50.77
C GLU B 214 -5.53 -9.73 -49.49
N GLY C 2 11.46 -23.29 43.87
CA GLY C 2 10.28 -23.75 44.59
C GLY C 2 9.16 -22.73 44.61
N CYS C 3 8.95 -22.04 43.49
CA CYS C 3 7.93 -21.01 43.38
C CYS C 3 7.08 -21.32 42.12
N LYS C 4 5.73 -21.29 42.25
CA LYS C 4 4.84 -21.61 41.12
C LYS C 4 4.80 -20.50 40.09
N ASP C 5 5.34 -20.74 38.90
CA ASP C 5 5.36 -19.75 37.84
C ASP C 5 4.07 -19.68 37.05
N ILE C 6 3.49 -18.48 36.94
CA ILE C 6 2.29 -18.26 36.15
C ILE C 6 2.65 -17.26 35.06
N PHE C 7 2.51 -17.64 33.79
CA PHE C 7 2.81 -16.74 32.69
C PHE C 7 1.50 -16.14 32.15
N MET C 8 1.37 -14.82 32.20
CA MET C 8 0.15 -14.15 31.74
C MET C 8 0.17 -13.97 30.26
N LYS C 9 -0.95 -14.32 29.60
CA LYS C 9 -1.05 -14.29 28.15
C LYS C 9 -1.27 -12.90 27.57
N ASN C 10 -1.81 -11.96 28.35
CA ASN C 10 -2.08 -10.63 27.81
C ASN C 10 -1.04 -9.59 28.20
N GLU C 11 -0.49 -8.91 27.20
CA GLU C 11 0.50 -7.85 27.45
C GLU C 11 -0.21 -6.55 27.78
N ILE C 12 0.46 -5.70 28.55
CA ILE C 12 -0.10 -4.43 28.97
C ILE C 12 0.59 -3.35 28.17
N LEU C 13 -0.16 -2.47 27.53
CA LEU C 13 0.42 -1.42 26.72
C LEU C 13 0.28 -0.08 27.40
N SER C 14 1.31 0.75 27.34
CA SER C 14 1.25 2.08 27.90
C SER C 14 2.03 3.05 27.09
N ALA C 15 1.54 4.28 27.00
CA ALA C 15 2.29 5.36 26.37
C ALA C 15 3.50 5.74 27.28
N SER C 16 4.46 6.46 26.72
CA SER C 16 5.64 6.90 27.46
C SER C 16 5.23 8.04 28.40
N GLN C 17 4.71 7.67 29.56
CA GLN C 17 4.16 8.64 30.51
C GLN C 17 4.00 7.93 31.88
N PRO C 18 3.47 8.57 32.95
CA PRO C 18 3.28 7.84 34.22
C PRO C 18 2.44 6.60 34.02
N PHE C 19 2.84 5.50 34.62
CA PHE C 19 2.11 4.25 34.49
C PHE C 19 2.27 3.45 35.77
N ALA C 20 1.24 2.71 36.15
CA ALA C 20 1.33 1.86 37.32
C ALA C 20 0.61 0.54 37.10
N PHE C 21 1.11 -0.52 37.70
CA PHE C 21 0.49 -1.83 37.64
C PHE C 21 0.42 -2.44 39.06
N ASN C 22 -0.79 -2.81 39.50
CA ASN C 22 -1.00 -3.39 40.82
C ASN C 22 -0.88 -4.89 40.77
N CYS C 23 -0.19 -5.48 41.74
CA CYS C 23 -0.07 -6.93 41.79
C CYS C 23 -1.30 -7.49 42.47
N THR C 24 -2.42 -7.49 41.76
CA THR C 24 -3.69 -7.98 42.27
C THR C 24 -3.97 -9.33 41.59
N PHE C 25 -3.89 -10.41 42.37
CA PHE C 25 -4.10 -11.75 41.84
C PHE C 25 -4.89 -12.57 42.85
N PRO C 26 -6.18 -12.24 43.04
CA PRO C 26 -6.98 -12.98 44.04
C PRO C 26 -7.32 -14.40 43.63
N PRO C 27 -7.40 -15.33 44.59
CA PRO C 27 -7.24 -15.14 46.03
C PRO C 27 -5.80 -15.22 46.55
N ILE C 28 -4.83 -15.45 45.66
CA ILE C 28 -3.42 -15.56 46.04
C ILE C 28 -2.93 -14.32 46.80
N THR C 29 -3.29 -13.12 46.35
CA THR C 29 -2.88 -11.88 47.04
C THR C 29 -3.85 -11.42 48.12
N SER C 30 -4.88 -12.21 48.44
CA SER C 30 -5.87 -11.84 49.45
C SER C 30 -5.51 -12.28 50.87
N GLY C 31 -4.56 -13.19 51.01
CA GLY C 31 -4.13 -13.65 52.32
C GLY C 31 -3.08 -12.76 52.96
N GLU C 32 -2.25 -13.33 53.84
CA GLU C 32 -1.19 -12.57 54.48
C GLU C 32 0.08 -12.82 53.70
N VAL C 33 0.21 -12.12 52.58
CA VAL C 33 1.34 -12.30 51.68
C VAL C 33 2.24 -11.06 51.57
N SER C 34 3.46 -11.26 51.03
CA SER C 34 4.42 -10.23 50.74
C SER C 34 4.53 -10.17 49.21
N VAL C 35 4.36 -8.98 48.63
CA VAL C 35 4.40 -8.79 47.19
C VAL C 35 5.72 -8.13 46.79
N THR C 36 6.47 -8.72 45.82
CA THR C 36 7.72 -8.11 45.37
C THR C 36 7.81 -8.05 43.85
N TRP C 37 8.01 -6.84 43.30
CA TRP C 37 8.15 -6.68 41.85
C TRP C 37 9.61 -6.84 41.41
N TYR C 38 9.80 -7.32 40.18
CA TYR C 38 11.10 -7.53 39.56
C TYR C 38 11.00 -7.14 38.08
N LYS C 39 12.07 -6.56 37.53
CA LYS C 39 12.15 -6.14 36.12
C LYS C 39 13.14 -7.02 35.38
N ASN C 40 12.67 -7.89 34.45
CA ASN C 40 13.52 -8.80 33.64
C ASN C 40 14.49 -9.62 34.55
N SER C 41 14.19 -9.71 35.86
CA SER C 41 15.03 -10.38 36.85
C SER C 41 14.18 -11.13 37.87
N SER C 42 14.81 -12.00 38.66
CA SER C 42 14.21 -12.71 39.79
C SER C 42 15.17 -12.71 41.00
N LYS C 43 16.29 -11.93 40.94
CA LYS C 43 17.32 -11.84 41.97
C LYS C 43 17.45 -10.43 42.52
N ILE C 44 17.20 -9.39 41.70
CA ILE C 44 17.25 -8.02 42.19
C ILE C 44 15.87 -7.40 42.13
N PRO C 45 15.25 -7.17 43.30
CA PRO C 45 13.90 -6.57 43.30
C PRO C 45 13.88 -5.12 42.84
N VAL C 46 12.70 -4.65 42.40
CA VAL C 46 12.55 -3.25 42.03
C VAL C 46 12.76 -2.39 43.30
N SER C 47 13.49 -1.30 43.17
CA SER C 47 13.78 -0.40 44.29
C SER C 47 12.53 0.16 44.92
N LYS C 48 12.58 0.50 46.21
CA LYS C 48 11.45 1.15 46.87
C LYS C 48 11.68 2.65 47.10
N ILE C 49 12.80 3.22 46.56
CA ILE C 49 13.15 4.63 46.64
C ILE C 49 12.07 5.40 45.90
N ILE C 50 11.37 6.28 46.60
CA ILE C 50 10.29 7.10 46.05
C ILE C 50 10.77 7.99 44.91
N GLN C 51 12.02 8.48 44.97
CA GLN C 51 12.56 9.34 43.92
C GLN C 51 13.07 8.58 42.68
N SER C 52 12.99 7.25 42.68
CA SER C 52 13.43 6.45 41.55
C SER C 52 12.34 6.50 40.47
N ARG C 53 12.73 6.56 39.16
CA ARG C 53 11.78 6.59 38.04
C ARG C 53 10.91 5.32 38.05
N ILE C 54 11.50 4.16 38.31
CA ILE C 54 10.74 2.93 38.47
C ILE C 54 10.92 2.50 39.92
N HIS C 55 9.82 2.33 40.65
CA HIS C 55 9.90 1.87 42.03
C HIS C 55 8.64 1.13 42.47
N GLN C 56 8.73 0.35 43.55
CA GLN C 56 7.57 -0.34 44.07
C GLN C 56 6.93 0.53 45.13
N ASP C 57 5.62 0.74 45.00
CA ASP C 57 4.83 1.56 45.93
C ASP C 57 3.74 0.64 46.44
N GLU C 58 3.81 0.19 47.70
CA GLU C 58 2.83 -0.76 48.22
C GLU C 58 2.93 -2.09 47.39
N THR C 59 1.84 -2.58 46.81
CA THR C 59 1.82 -3.77 45.97
C THR C 59 1.96 -3.44 44.47
N TRP C 60 2.18 -2.16 44.11
CA TRP C 60 2.25 -1.63 42.76
C TRP C 60 3.68 -1.41 42.27
N ILE C 61 3.88 -1.46 40.94
CA ILE C 61 5.11 -1.04 40.30
C ILE C 61 4.74 0.30 39.65
N LEU C 62 5.51 1.34 39.93
CA LEU C 62 5.22 2.69 39.46
C LEU C 62 6.33 3.19 38.57
N PHE C 63 5.95 3.66 37.39
CA PHE C 63 6.83 4.21 36.36
C PHE C 63 6.50 5.70 36.27
N LEU C 64 7.47 6.57 36.59
CA LEU C 64 7.28 8.01 36.57
C LEU C 64 8.35 8.82 35.79
N PRO C 65 8.31 8.85 34.44
CA PRO C 65 7.40 8.13 33.53
C PRO C 65 7.94 6.78 33.03
N MET C 66 7.11 6.04 32.30
CA MET C 66 7.56 4.85 31.61
C MET C 66 8.28 5.38 30.37
N GLU C 67 9.46 4.86 30.06
CA GLU C 67 10.23 5.33 28.90
C GLU C 67 10.61 4.18 27.99
N TRP C 68 11.03 4.53 26.74
CA TRP C 68 11.50 3.55 25.74
C TRP C 68 12.69 2.78 26.33
N GLY C 69 12.59 1.46 26.37
CA GLY C 69 13.60 0.63 27.01
C GLY C 69 13.04 -0.14 28.20
N ASP C 70 11.89 0.31 28.75
CA ASP C 70 11.20 -0.34 29.85
C ASP C 70 10.39 -1.56 29.43
N SER C 71 10.21 -1.80 28.12
CA SER C 71 9.45 -2.96 27.68
C SER C 71 10.14 -4.27 28.07
N GLY C 72 9.37 -5.21 28.56
CA GLY C 72 9.90 -6.50 28.95
C GLY C 72 8.97 -7.30 29.83
N VAL C 73 9.53 -8.31 30.47
CA VAL C 73 8.81 -9.21 31.36
C VAL C 73 9.05 -8.73 32.79
N TYR C 74 7.97 -8.54 33.53
CA TYR C 74 8.00 -8.09 34.92
C TYR C 74 7.40 -9.18 35.75
N GLN C 75 7.97 -9.42 36.93
CA GLN C 75 7.46 -10.47 37.79
C GLN C 75 7.01 -10.01 39.14
N CYS C 76 5.87 -10.53 39.56
CA CYS C 76 5.40 -10.28 40.90
C CYS C 76 5.54 -11.56 41.70
N VAL C 77 6.38 -11.54 42.73
CA VAL C 77 6.56 -12.69 43.58
C VAL C 77 5.71 -12.53 44.82
N ILE C 78 4.67 -13.36 44.95
CA ILE C 78 3.71 -13.34 46.04
C ILE C 78 4.05 -14.44 47.03
N LYS C 79 4.67 -14.07 48.15
CA LYS C 79 5.07 -15.05 49.14
C LYS C 79 4.19 -15.08 50.36
N GLY C 80 3.60 -16.26 50.62
CA GLY C 80 2.79 -16.51 51.80
C GLY C 80 3.58 -17.30 52.83
N ARG C 81 2.88 -17.91 53.80
CA ARG C 81 3.56 -18.71 54.83
C ARG C 81 4.02 -20.03 54.21
N ASP C 82 3.09 -20.75 53.57
CA ASP C 82 3.42 -22.03 52.93
C ASP C 82 3.04 -22.00 51.44
N SER C 83 3.44 -20.92 50.73
CA SER C 83 3.15 -20.77 49.30
C SER C 83 4.05 -19.70 48.66
N CYS C 84 4.31 -19.85 47.36
CA CYS C 84 5.10 -18.89 46.59
C CYS C 84 4.60 -18.92 45.17
N HIS C 85 4.27 -17.76 44.59
CA HIS C 85 3.81 -17.65 43.21
C HIS C 85 4.59 -16.55 42.48
N ARG C 86 4.98 -16.82 41.25
CA ARG C 86 5.69 -15.84 40.45
C ARG C 86 4.90 -15.54 39.20
N ILE C 87 4.20 -14.39 39.19
CA ILE C 87 3.40 -13.96 38.04
C ILE C 87 4.26 -13.18 37.05
N HIS C 88 4.36 -13.65 35.80
CA HIS C 88 5.11 -13.00 34.73
C HIS C 88 4.14 -12.24 33.82
N VAL C 89 4.29 -10.92 33.73
CA VAL C 89 3.44 -10.11 32.86
C VAL C 89 4.33 -9.26 31.92
N ASN C 90 3.97 -9.15 30.64
CA ASN C 90 4.75 -8.34 29.71
C ASN C 90 4.20 -6.93 29.73
N LEU C 91 5.07 -5.93 29.95
CA LEU C 91 4.67 -4.52 29.96
C LEU C 91 5.35 -3.87 28.76
N THR C 92 4.59 -3.30 27.84
CA THR C 92 5.15 -2.69 26.63
C THR C 92 4.85 -1.19 26.56
N VAL C 93 5.89 -0.42 26.25
CA VAL C 93 5.76 1.01 26.13
C VAL C 93 5.81 1.42 24.65
N PHE C 94 5.03 2.44 24.30
CA PHE C 94 5.08 3.03 22.98
C PHE C 94 5.46 4.51 23.17
N GLU C 95 6.22 5.08 22.22
CA GLU C 95 6.75 6.43 22.38
C GLU C 95 5.80 7.60 22.07
N LYS C 96 4.99 7.49 21.02
CA LYS C 96 4.22 8.61 20.49
C LYS C 96 2.73 8.62 20.73
N HIS C 97 2.17 9.84 20.78
CA HIS C 97 0.74 10.01 20.96
C HIS C 97 0.08 10.35 19.62
N TRP C 98 -1.10 9.76 19.38
CA TRP C 98 -1.90 9.84 18.17
C TRP C 98 -2.12 11.24 17.64
N CYS C 99 -2.32 12.23 18.53
CA CYS C 99 -2.55 13.60 18.07
C CYS C 99 -1.28 14.31 17.59
N ASP C 100 -0.10 13.81 17.98
CA ASP C 100 1.17 14.37 17.55
C ASP C 100 1.55 13.73 16.21
N THR C 101 1.40 12.40 16.10
CA THR C 101 1.80 11.64 14.92
C THR C 101 1.15 10.25 14.94
N SER C 102 1.06 9.63 13.76
CA SER C 102 0.58 8.25 13.67
C SER C 102 1.74 7.24 13.77
N ILE C 103 3.00 7.69 13.76
CA ILE C 103 4.18 6.83 13.77
C ILE C 103 4.58 6.44 15.18
N GLY C 104 5.11 5.22 15.35
CA GLY C 104 5.60 4.70 16.63
C GLY C 104 4.74 4.91 17.85
N GLY C 105 3.43 4.76 17.69
CA GLY C 105 2.48 4.91 18.78
C GLY C 105 1.82 3.60 19.13
N LEU C 106 0.54 3.63 19.64
CA LEU C 106 -0.22 2.45 20.05
C LEU C 106 -0.04 1.28 19.06
N PRO C 107 0.71 0.25 19.48
CA PRO C 107 1.07 -0.83 18.55
C PRO C 107 -0.09 -1.73 18.14
N ASN C 108 -1.12 -1.87 18.98
CA ASN C 108 -2.31 -2.62 18.62
C ASN C 108 -3.51 -2.14 19.44
N LEU C 109 -4.72 -2.29 18.89
CA LEU C 109 -5.91 -1.81 19.55
C LEU C 109 -6.45 -2.83 20.52
N SER C 110 -5.80 -2.94 21.67
CA SER C 110 -6.22 -3.86 22.72
C SER C 110 -7.50 -3.35 23.41
N ASP C 111 -8.19 -4.22 24.14
CA ASP C 111 -9.45 -3.87 24.80
C ASP C 111 -9.35 -2.68 25.71
N GLU C 112 -8.16 -2.43 26.29
CA GLU C 112 -8.00 -1.26 27.18
C GLU C 112 -7.99 0.08 26.42
N TYR C 113 -8.04 0.05 25.07
CA TYR C 113 -8.05 1.23 24.22
C TYR C 113 -9.30 1.32 23.32
N LYS C 114 -10.32 0.47 23.55
CA LYS C 114 -11.56 0.46 22.78
C LYS C 114 -12.76 0.53 23.70
N GLN C 115 -13.73 1.36 23.35
CA GLN C 115 -14.99 1.48 24.09
C GLN C 115 -16.15 1.58 23.10
N ILE C 116 -17.36 1.32 23.61
CA ILE C 116 -18.59 1.36 22.83
C ILE C 116 -19.66 2.25 23.48
N LEU C 117 -20.38 3.02 22.66
CA LEU C 117 -21.49 3.85 23.12
C LEU C 117 -22.78 3.32 22.47
N HIS C 118 -23.88 3.21 23.23
CA HIS C 118 -25.15 2.68 22.70
C HIS C 118 -26.05 3.74 22.08
N LEU C 119 -26.36 3.57 20.79
CA LEU C 119 -27.18 4.50 19.99
C LEU C 119 -28.52 4.84 20.64
N GLY C 120 -28.87 6.13 20.64
CA GLY C 120 -30.11 6.63 21.19
C GLY C 120 -30.25 6.61 22.71
N LYS C 121 -29.22 6.11 23.41
CA LYS C 121 -29.26 6.03 24.87
C LYS C 121 -28.39 7.11 25.54
N ASP C 122 -28.55 7.28 26.85
CA ASP C 122 -27.70 8.18 27.61
C ASP C 122 -26.62 7.24 28.14
N ASP C 123 -25.42 7.33 27.57
CA ASP C 123 -24.31 6.45 27.91
C ASP C 123 -23.10 7.26 28.44
N SER C 124 -21.94 6.63 28.61
CA SER C 124 -20.75 7.33 29.08
C SER C 124 -19.47 6.63 28.64
N LEU C 125 -18.36 7.39 28.63
CA LEU C 125 -17.04 6.85 28.39
C LEU C 125 -16.27 6.88 29.71
N THR C 126 -15.31 5.98 29.88
CA THR C 126 -14.53 5.91 31.11
C THR C 126 -13.04 6.19 30.87
N CYS C 127 -12.41 7.00 31.75
CA CYS C 127 -10.98 7.23 31.66
C CYS C 127 -10.30 6.32 32.64
N HIS C 128 -9.53 5.37 32.13
CA HIS C 128 -8.85 4.41 32.99
C HIS C 128 -7.51 4.91 33.46
N LEU C 129 -7.48 5.30 34.73
CA LEU C 129 -6.31 5.83 35.41
C LEU C 129 -6.17 5.01 36.67
N HIS C 130 -5.25 4.03 36.66
CA HIS C 130 -5.03 3.14 37.79
C HIS C 130 -3.67 3.44 38.36
N PHE C 131 -3.64 4.13 39.50
CA PHE C 131 -2.39 4.51 40.15
C PHE C 131 -2.49 4.31 41.68
N PRO C 132 -1.37 4.09 42.40
CA PRO C 132 -1.47 3.97 43.87
C PRO C 132 -1.87 5.29 44.53
N LYS C 133 -2.25 5.25 45.82
CA LYS C 133 -2.69 6.41 46.60
C LYS C 133 -1.72 7.57 46.54
N SER C 134 -0.41 7.27 46.44
CA SER C 134 0.61 8.31 46.38
C SER C 134 0.43 9.27 45.21
N CYS C 135 -0.27 8.84 44.15
CA CYS C 135 -0.55 9.63 42.95
C CYS C 135 -1.93 10.29 43.03
N VAL C 136 -1.97 11.61 42.97
CA VAL C 136 -3.23 12.35 43.02
C VAL C 136 -3.57 12.80 41.63
N LEU C 137 -4.78 12.51 41.17
CA LEU C 137 -5.18 12.91 39.82
C LEU C 137 -6.15 14.05 39.90
N GLY C 138 -5.86 15.11 39.15
CA GLY C 138 -6.72 16.28 39.08
C GLY C 138 -7.91 16.01 38.17
N PRO C 139 -8.60 17.08 37.75
CA PRO C 139 -9.75 16.90 36.85
C PRO C 139 -9.34 16.40 35.48
N ILE C 140 -10.27 15.71 34.81
CA ILE C 140 -10.01 15.13 33.50
C ILE C 140 -10.58 15.95 32.34
N LYS C 141 -9.73 16.27 31.34
CA LYS C 141 -10.12 16.98 30.14
C LYS C 141 -10.37 15.94 29.04
N TRP C 142 -11.42 16.16 28.23
CA TRP C 142 -11.76 15.23 27.18
C TRP C 142 -11.61 15.84 25.82
N TYR C 143 -11.23 14.99 24.88
CA TYR C 143 -10.93 15.33 23.50
C TYR C 143 -11.56 14.31 22.56
N LYS C 144 -11.98 14.77 21.40
CA LYS C 144 -12.48 13.91 20.35
C LYS C 144 -11.82 14.38 19.09
N ASP C 145 -11.23 13.45 18.33
CA ASP C 145 -10.54 13.73 17.09
C ASP C 145 -9.52 14.88 17.24
N CYS C 146 -8.79 14.86 18.37
CA CYS C 146 -7.68 15.74 18.72
C CYS C 146 -8.06 17.20 18.99
N ASN C 147 -9.33 17.43 19.31
CA ASN C 147 -9.84 18.74 19.71
C ASN C 147 -10.61 18.56 21.02
N GLU C 148 -10.60 19.56 21.90
CA GLU C 148 -11.31 19.46 23.17
C GLU C 148 -12.80 19.34 22.95
N ILE C 149 -13.45 18.45 23.69
CA ILE C 149 -14.89 18.25 23.59
C ILE C 149 -15.61 19.45 24.25
N LYS C 150 -16.54 20.06 23.53
CA LYS C 150 -17.36 21.17 24.04
C LYS C 150 -18.74 20.94 23.46
N GLY C 151 -19.68 20.57 24.30
CA GLY C 151 -21.02 20.27 23.84
C GLY C 151 -22.04 20.15 24.95
N GLU C 152 -23.33 20.31 24.58
CA GLU C 152 -24.44 20.25 25.52
C GLU C 152 -24.67 18.81 25.98
N ARG C 153 -24.51 17.84 25.07
CA ARG C 153 -24.70 16.43 25.40
C ARG C 153 -23.52 15.83 26.16
N PHE C 154 -22.42 16.58 26.36
CA PHE C 154 -21.24 16.06 27.01
C PHE C 154 -21.01 16.74 28.36
N THR C 155 -20.90 15.92 29.40
CA THR C 155 -20.71 16.37 30.76
C THR C 155 -19.57 15.58 31.40
N VAL C 156 -18.68 16.26 32.15
CA VAL C 156 -17.61 15.55 32.85
C VAL C 156 -18.06 15.23 34.27
N LEU C 157 -17.93 13.97 34.68
CA LEU C 157 -18.30 13.56 36.03
C LEU C 157 -17.27 12.55 36.54
N GLU C 158 -16.42 12.98 37.48
CA GLU C 158 -15.34 12.17 38.07
C GLU C 158 -14.44 11.57 36.95
N THR C 159 -14.35 10.23 36.80
CA THR C 159 -13.54 9.64 35.73
C THR C 159 -14.34 9.35 34.44
N ARG C 160 -15.62 9.69 34.41
CA ARG C 160 -16.47 9.43 33.25
C ARG C 160 -16.77 10.68 32.44
N LEU C 161 -17.10 10.48 31.15
CA LEU C 161 -17.56 11.51 30.24
C LEU C 161 -18.96 11.08 29.89
N LEU C 162 -19.98 11.70 30.49
CA LEU C 162 -21.36 11.33 30.23
C LEU C 162 -21.77 11.88 28.88
N VAL C 163 -22.37 11.03 28.05
CA VAL C 163 -22.83 11.39 26.73
C VAL C 163 -24.33 11.14 26.68
N SER C 164 -25.13 12.20 26.56
CA SER C 164 -26.57 12.02 26.49
C SER C 164 -27.00 11.90 25.03
N ASN C 165 -28.07 11.12 24.80
CA ASN C 165 -28.67 10.88 23.48
C ASN C 165 -27.62 10.55 22.40
N VAL C 166 -26.83 9.48 22.63
CA VAL C 166 -25.75 9.00 21.76
C VAL C 166 -26.16 8.94 20.28
N SER C 167 -25.43 9.64 19.40
CA SER C 167 -25.69 9.61 17.96
C SER C 167 -24.59 8.84 17.20
N ALA C 168 -24.86 8.38 15.97
CA ALA C 168 -23.86 7.66 15.17
C ALA C 168 -22.62 8.52 14.86
N GLU C 169 -22.78 9.85 14.88
CA GLU C 169 -21.69 10.80 14.66
C GLU C 169 -20.70 10.84 15.84
N ASP C 170 -21.02 10.17 16.97
CA ASP C 170 -20.15 10.15 18.14
C ASP C 170 -18.98 9.16 18.05
N ARG C 171 -18.87 8.42 16.94
CA ARG C 171 -17.76 7.49 16.71
C ARG C 171 -16.50 8.35 16.51
N GLY C 172 -15.37 7.79 16.88
CA GLY C 172 -14.12 8.51 16.70
C GLY C 172 -13.06 8.15 17.71
N ASN C 173 -11.97 8.91 17.68
CA ASN C 173 -10.90 8.70 18.63
C ASN C 173 -11.05 9.72 19.72
N TYR C 174 -11.19 9.24 20.91
CA TYR C 174 -11.31 10.06 22.10
C TYR C 174 -9.98 10.08 22.81
N ALA C 175 -9.80 11.06 23.68
CA ALA C 175 -8.61 11.16 24.49
C ALA C 175 -9.02 11.79 25.81
N CYS C 176 -8.57 11.21 26.92
CA CYS C 176 -8.81 11.80 28.23
C CYS C 176 -7.46 12.11 28.85
N GLN C 177 -7.34 13.31 29.41
CA GLN C 177 -6.08 13.81 29.96
C GLN C 177 -6.24 14.30 31.38
N ALA C 178 -5.34 13.89 32.27
CA ALA C 178 -5.36 14.36 33.65
C ALA C 178 -3.97 14.67 34.17
N ILE C 179 -3.86 15.60 35.12
CA ILE C 179 -2.57 15.93 35.72
C ILE C 179 -2.41 15.02 36.94
N LEU C 180 -1.31 14.28 37.01
CA LEU C 180 -1.02 13.40 38.12
C LEU C 180 0.07 14.08 38.96
N THR C 181 -0.16 14.21 40.26
CA THR C 181 0.79 14.80 41.19
C THR C 181 1.36 13.70 42.09
N HIS C 182 2.67 13.67 42.28
CA HIS C 182 3.33 12.66 43.09
C HIS C 182 4.59 13.28 43.69
N SER C 183 4.70 13.28 45.04
CA SER C 183 5.84 13.85 45.75
C SER C 183 6.08 15.31 45.34
N GLY C 184 5.00 16.08 45.23
CA GLY C 184 5.10 17.49 44.86
C GLY C 184 5.44 17.78 43.41
N LYS C 185 5.52 16.74 42.55
CA LYS C 185 5.88 16.90 41.16
C LYS C 185 4.72 16.51 40.25
N GLN C 186 4.46 17.30 39.20
CA GLN C 186 3.35 17.00 38.29
C GLN C 186 3.74 16.35 36.97
N TYR C 187 2.92 15.40 36.55
CA TYR C 187 3.07 14.62 35.33
C TYR C 187 1.74 14.64 34.57
N GLU C 188 1.78 14.42 33.25
CA GLU C 188 0.58 14.44 32.44
C GLU C 188 0.30 13.06 31.92
N VAL C 189 -0.94 12.59 32.06
CA VAL C 189 -1.36 11.28 31.56
C VAL C 189 -2.37 11.52 30.44
N LEU C 190 -2.21 10.87 29.28
CA LEU C 190 -3.10 11.01 28.14
C LEU C 190 -3.43 9.64 27.58
N ASN C 191 -4.71 9.24 27.65
CA ASN C 191 -5.12 7.93 27.13
C ASN C 191 -6.05 8.09 25.94
N GLY C 192 -5.77 7.39 24.85
CA GLY C 192 -6.62 7.40 23.69
C GLY C 192 -7.64 6.27 23.71
N ILE C 193 -8.79 6.46 23.07
CA ILE C 193 -9.83 5.46 23.02
C ILE C 193 -10.45 5.46 21.62
N THR C 194 -10.58 4.29 20.98
CA THR C 194 -11.30 4.20 19.71
C THR C 194 -12.73 3.90 20.14
N VAL C 195 -13.65 4.81 19.86
CA VAL C 195 -15.02 4.66 20.27
C VAL C 195 -15.91 4.33 19.09
N SER C 196 -16.66 3.22 19.21
CA SER C 196 -17.60 2.78 18.19
C SER C 196 -19.03 2.78 18.75
N ILE C 197 -20.04 2.73 17.87
CA ILE C 197 -21.42 2.79 18.31
C ILE C 197 -22.27 1.59 17.86
N THR C 198 -23.03 0.99 18.79
CA THR C 198 -23.92 -0.13 18.46
C THR C 198 -25.37 0.29 18.65
N GLU C 199 -26.26 -0.14 17.73
CA GLU C 199 -27.69 0.16 17.83
C GLU C 199 -28.47 -0.97 18.54
C1 NAG D . -3.84 -3.79 44.79
C2 NAG D . -5.27 -3.50 45.27
C3 NAG D . -5.45 -3.99 46.72
C4 NAG D . -4.95 -5.42 46.91
C5 NAG D . -3.55 -5.61 46.33
C6 NAG D . -3.12 -7.06 46.33
C7 NAG D . -6.40 -1.55 44.30
C8 NAG D . -6.60 -0.06 44.41
N2 NAG D . -5.55 -2.08 45.20
O3 NAG D . -6.82 -3.92 47.06
O4 NAG D . -4.90 -5.70 48.30
O5 NAG D . -3.56 -5.18 44.97
O6 NAG D . -1.73 -7.20 46.12
O7 NAG D . -6.93 -2.22 43.43
C1 NAG D . -5.65 -6.79 48.77
C2 NAG D . -5.07 -7.20 50.12
C3 NAG D . -5.94 -8.30 50.74
C4 NAG D . -7.40 -7.90 50.79
C5 NAG D . -7.88 -7.46 49.40
C6 NAG D . -9.28 -6.88 49.43
C7 NAG D . -2.63 -6.88 50.20
C8 NAG D . -1.29 -7.51 49.94
N2 NAG D . -3.71 -7.65 49.97
O3 NAG D . -5.46 -8.59 52.05
O4 NAG D . -8.21 -8.96 51.28
O5 NAG D . -7.02 -6.41 48.91
O6 NAG D . -9.34 -5.75 50.29
O7 NAG D . -2.74 -5.72 50.61
P PO4 E . -20.55 -8.54 -26.12
O1 PO4 E . -20.56 -7.10 -25.61
O2 PO4 E . -21.05 -8.57 -27.58
O3 PO4 E . -19.13 -9.14 -26.06
O4 PO4 E . -21.49 -9.40 -25.23
C1 NAG F . 6.58 -11.68 26.58
C2 NAG F . 5.86 -12.52 25.53
C3 NAG F . 6.68 -13.74 25.16
C4 NAG F . 8.10 -13.34 24.77
C5 NAG F . 8.74 -12.49 25.85
C6 NAG F . 10.11 -11.96 25.49
C7 NAG F . 3.42 -12.26 25.73
C8 NAG F . 2.17 -12.80 26.36
N2 NAG F . 4.55 -12.92 26.03
O3 NAG F . 6.05 -14.43 24.09
O4 NAG F . 8.90 -14.50 24.52
O5 NAG F . 7.89 -11.34 26.11
O6 NAG F . 10.11 -11.30 24.23
O7 NAG F . 3.41 -11.29 24.98
C2 A1H62 G . -3.99 -15.27 31.83
O1 A1H62 G . -4.83 -14.23 31.82
O3 A1H62 G . -3.27 -15.49 30.87
C41 A1H62 G . -3.67 -1.83 37.43
C42 A1H62 G . -5.20 -1.77 37.68
C43 A1H62 G . -3.15 -9.49 36.62
C44 A1H62 G . -2.59 -9.50 35.34
C45 A1H62 G . -1.21 -9.56 35.17
C46 A1H62 G . -0.37 -9.60 36.29
C47 A1H62 G . -0.93 -9.56 37.57
C49 A1H62 G . -2.31 -9.51 37.75
C11 A1H62 G . -4.30 -18.38 37.21
C12 A1H62 G . -4.65 -18.74 38.57
C14 A1H62 G . -4.83 -17.27 36.50
C16 A1H62 G . -6.86 -16.82 37.87
C17 A1H62 G . -6.72 -16.15 39.25
C18 A1H62 G . -6.47 -14.67 39.06
C19 A1H62 G . -6.02 -14.16 37.92
C20 A1H62 G . -5.72 -14.96 36.68
C21 A1H62 G . -5.91 -12.71 38.17
C24 A1H62 G . -5.48 -11.64 37.25
C27 A1H62 G . -4.67 -9.40 36.80
C28 A1H62 G . -4.97 -7.98 37.29
C29 A1H62 G . -6.45 -7.68 37.39
C4 A1H62 G . -3.89 -16.15 33.03
C5 A1H62 G . -4.61 -16.00 34.15
C6 A1H62 G . -4.31 -17.06 35.20
C7 A1H62 G . -3.34 -17.92 34.66
S8 A1H62 G . -2.77 -17.49 33.04
N9 A1H62 G . -2.85 -18.96 35.39
C10 A1H62 G . -3.31 -19.18 36.63
N13 A1H62 G . -4.88 -19.03 39.66
N15 A1H62 G . -5.76 -16.40 37.01
N22 A1H62 G . -6.27 -12.53 39.37
N23 A1H62 G . -6.62 -13.72 39.93
O25 A1H62 G . -5.47 -11.88 36.05
N26 A1H62 G . -5.11 -10.44 37.73
O30 A1H62 G . -7.07 -8.00 38.39
N31 A1H62 G . -7.02 -7.07 36.34
C32 A1H62 G . -8.44 -6.74 36.35
C33 A1H62 G . -8.62 -5.20 36.26
O34 A1H62 G . -7.60 -4.74 35.32
C35 A1H62 G . -7.51 -3.31 35.24
C36 A1H62 G . -7.22 -2.84 36.69
N37 A1H62 G . -5.78 -2.96 37.00
C38 A1H62 G . -5.30 -4.21 37.63
C39 A1H62 G . -3.76 -4.23 37.58
O40 A1H62 G . -3.18 -3.01 38.07
BR48 A1H62 G . 0.19 -9.61 39.06
#